data_2W70
#
_entry.id   2W70
#
_cell.length_a   84.234
_cell.length_b   106.215
_cell.length_c   122.635
_cell.angle_alpha   90.00
_cell.angle_beta   90.00
_cell.angle_gamma   90.00
#
_symmetry.space_group_name_H-M   'P 21 21 21'
#
loop_
_entity.id
_entity.type
_entity.pdbx_description
1 polymer 'BIOTIN CARBOXYLASE'
2 non-polymer 4-(2-amino-1,3-thiazol-4-yl)pyrimidin-2-amine
3 non-polymer 'CHLORIDE ION'
4 water water
#
_entity_poly.entity_id   1
_entity_poly.type   'polypeptide(L)'
_entity_poly.pdbx_seq_one_letter_code
;MLDKIVIANRGEIALRILRACKELGIKTVAVHSSADRDLKHVLLADETVCIGPAPSVKSYLNIPAIISAAEITGAVAIHP
GYGFLSENANFAEQVERSGFIFIGPKAETIRLMGDKVSAIAAMKKAGVPCVPGSDGPLGDDMDKNRAIAKRIGYPVIIKA
SGGGGGRGMRVVRGDAELAQSISMTRAEAKAAFSNDMVYMEKYLENPRHVEIQVLADGQGNAIYLAERDCSMQRRHQKVV
EEAPAPGITPELRRYIGERCAKACVDIGYRGAGTFEFLFENGEFYFIEMNTRIQVEHPVTEMITGVDLIKEQLRIAAGQP
LSIKQEEVHVRGHAVECRINAEDPNTFLPSPGKITRFHAPGGFGVRWESHIYAGYTVPPYYDSMIGKLICYGENRDVAIA
RMKNALQELIIDGIKTNVDLQIRIMNDENFQHGGTNIHYLEKKLGLQEK
;
_entity_poly.pdbx_strand_id   A,B
#
# COMPACT_ATOMS: atom_id res chain seq x y z
N MET A 1 15.71 -18.84 -11.90
CA MET A 1 14.57 -18.84 -10.92
C MET A 1 13.97 -20.23 -10.79
N LEU A 2 13.41 -20.53 -9.62
CA LEU A 2 12.79 -21.82 -9.34
C LEU A 2 11.58 -21.99 -10.26
N ASP A 3 11.48 -23.13 -10.95
CA ASP A 3 10.41 -23.33 -11.92
C ASP A 3 9.03 -23.42 -11.27
N LYS A 4 8.96 -24.16 -10.17
CA LYS A 4 7.69 -24.54 -9.55
C LYS A 4 7.93 -24.87 -8.10
N ILE A 5 7.07 -24.39 -7.21
CA ILE A 5 7.23 -24.65 -5.79
C ILE A 5 5.92 -25.11 -5.15
N VAL A 6 6.06 -25.93 -4.11
CA VAL A 6 4.95 -26.32 -3.25
C VAL A 6 4.85 -25.30 -2.13
N ILE A 7 3.67 -24.73 -1.94
CA ILE A 7 3.40 -23.84 -0.82
C ILE A 7 2.84 -24.71 0.31
N ALA A 8 3.71 -25.08 1.24
CA ALA A 8 3.38 -26.05 2.30
C ALA A 8 2.79 -25.33 3.51
N ASN A 9 1.67 -24.67 3.27
CA ASN A 9 0.98 -23.89 4.27
C ASN A 9 -0.43 -23.51 3.78
N ARG A 10 -1.12 -22.65 4.52
CA ARG A 10 -2.51 -22.30 4.27
C ARG A 10 -2.76 -20.85 4.64
N GLY A 11 -4.01 -20.42 4.49
CA GLY A 11 -4.46 -19.12 4.97
C GLY A 11 -3.72 -17.93 4.39
N GLU A 12 -3.49 -16.92 5.21
CA GLU A 12 -2.96 -15.65 4.70
C GLU A 12 -1.54 -15.83 4.17
N ILE A 13 -0.71 -16.60 4.88
CA ILE A 13 0.69 -16.73 4.48
C ILE A 13 0.82 -17.48 3.16
N ALA A 14 -0.04 -18.46 2.91
CA ALA A 14 -0.03 -19.19 1.65
C ALA A 14 -0.34 -18.25 0.48
N LEU A 15 -1.30 -17.35 0.69
CA LEU A 15 -1.64 -16.32 -0.32
C LEU A 15 -0.47 -15.35 -0.51
N ARG A 16 0.15 -14.94 0.59
CA ARG A 16 1.34 -14.10 0.55
C ARG A 16 2.43 -14.69 -0.33
N ILE A 17 2.74 -15.97 -0.12
CA ILE A 17 3.78 -16.66 -0.88
C ILE A 17 3.37 -16.78 -2.35
N LEU A 18 2.09 -17.10 -2.59
CA LEU A 18 1.57 -17.24 -3.96
C LEU A 18 1.77 -15.96 -4.76
N ARG A 19 1.44 -14.82 -4.16
CA ARG A 19 1.65 -13.54 -4.85
C ARG A 19 3.10 -13.32 -5.24
N ALA A 20 4.02 -13.59 -4.32
CA ALA A 20 5.46 -13.45 -4.58
C ALA A 20 5.89 -14.37 -5.73
N CYS A 21 5.41 -15.60 -5.71
CA CYS A 21 5.70 -16.56 -6.79
C CYS A 21 5.23 -16.03 -8.13
N LYS A 22 3.98 -15.59 -8.18
CA LYS A 22 3.39 -15.05 -9.40
C LYS A 22 4.20 -13.86 -9.94
N GLU A 23 4.63 -12.96 -9.06
CA GLU A 23 5.49 -11.85 -9.47
C GLU A 23 6.82 -12.28 -10.10
N LEU A 24 7.38 -13.41 -9.63
CA LEU A 24 8.66 -13.93 -10.10
C LEU A 24 8.54 -14.94 -11.25
N GLY A 25 7.30 -15.24 -11.66
CA GLY A 25 7.04 -16.18 -12.75
C GLY A 25 7.19 -17.64 -12.34
N ILE A 26 7.11 -17.89 -11.03
CA ILE A 26 7.27 -19.22 -10.45
C ILE A 26 5.91 -19.92 -10.41
N LYS A 27 5.83 -21.13 -10.96
CA LYS A 27 4.59 -21.92 -10.95
C LYS A 27 4.28 -22.38 -9.52
N THR A 28 3.00 -22.40 -9.18
CA THR A 28 2.58 -22.71 -7.82
C THR A 28 1.82 -24.03 -7.71
N VAL A 29 2.16 -24.78 -6.66
CA VAL A 29 1.42 -25.98 -6.27
C VAL A 29 0.86 -25.75 -4.89
N ALA A 30 -0.46 -25.73 -4.78
CA ALA A 30 -1.12 -25.52 -3.49
C ALA A 30 -1.53 -26.88 -2.93
N VAL A 31 -0.81 -27.32 -1.91
CA VAL A 31 -1.22 -28.52 -1.17
C VAL A 31 -2.21 -28.06 -0.11
N HIS A 32 -3.27 -28.83 0.08
CA HIS A 32 -4.32 -28.41 0.99
C HIS A 32 -5.04 -29.59 1.60
N SER A 33 -5.62 -29.35 2.78
CA SER A 33 -6.51 -30.32 3.41
C SER A 33 -7.86 -30.31 2.73
N SER A 34 -8.65 -31.34 3.03
CA SER A 34 -9.98 -31.44 2.46
C SER A 34 -10.91 -30.31 2.95
N ALA A 35 -10.58 -29.69 4.09
CA ALA A 35 -11.35 -28.54 4.61
C ALA A 35 -11.00 -27.22 3.95
N ASP A 36 -9.94 -27.19 3.15
CA ASP A 36 -9.37 -25.96 2.62
C ASP A 36 -9.43 -25.86 1.08
N ARG A 37 -10.37 -26.59 0.47
CA ARG A 37 -10.50 -26.61 -0.98
C ARG A 37 -10.82 -25.23 -1.55
N ASP A 38 -11.49 -24.40 -0.75
CA ASP A 38 -11.92 -23.08 -1.17
C ASP A 38 -11.10 -21.92 -0.58
N LEU A 39 -9.90 -22.24 -0.10
CA LEU A 39 -8.95 -21.19 0.27
C LEU A 39 -8.65 -20.33 -0.97
N LYS A 40 -8.58 -19.02 -0.77
CA LYS A 40 -8.29 -18.10 -1.86
C LYS A 40 -7.03 -18.49 -2.66
N HIS A 41 -5.92 -18.80 -1.98
CA HIS A 41 -4.70 -19.14 -2.72
C HIS A 41 -4.84 -20.46 -3.49
N VAL A 42 -5.61 -21.40 -2.94
CA VAL A 42 -5.89 -22.69 -3.63
C VAL A 42 -6.60 -22.42 -4.96
N LEU A 43 -7.60 -21.54 -4.91
CA LEU A 43 -8.36 -21.17 -6.10
C LEU A 43 -7.50 -20.41 -7.14
N LEU A 44 -6.46 -19.70 -6.68
CA LEU A 44 -5.56 -18.96 -7.57
C LEU A 44 -4.34 -19.77 -8.05
N ALA A 45 -4.08 -20.92 -7.43
CA ALA A 45 -2.84 -21.67 -7.70
C ALA A 45 -2.87 -22.34 -9.08
N ASP A 46 -1.69 -22.58 -9.65
CA ASP A 46 -1.57 -23.20 -10.97
C ASP A 46 -1.98 -24.66 -10.93
N GLU A 47 -1.58 -25.34 -9.85
CA GLU A 47 -1.97 -26.73 -9.59
C GLU A 47 -2.34 -26.89 -8.14
N THR A 48 -3.25 -27.82 -7.87
CA THR A 48 -3.65 -28.13 -6.49
C THR A 48 -3.55 -29.64 -6.22
N VAL A 49 -3.21 -29.97 -4.98
CA VAL A 49 -3.14 -31.35 -4.52
C VAL A 49 -3.77 -31.43 -3.14
N CYS A 50 -4.80 -32.25 -2.99
CA CYS A 50 -5.38 -32.48 -1.68
C CYS A 50 -4.52 -33.52 -0.96
N ILE A 51 -3.95 -33.13 0.17
CA ILE A 51 -2.94 -33.97 0.83
C ILE A 51 -3.48 -34.77 2.02
N GLY A 52 -4.75 -34.54 2.35
CA GLY A 52 -5.39 -35.32 3.41
C GLY A 52 -6.56 -34.62 4.04
N PRO A 53 -7.18 -35.26 5.05
CA PRO A 53 -8.32 -34.69 5.76
C PRO A 53 -7.93 -33.47 6.62
N ALA A 54 -8.94 -32.85 7.21
CA ALA A 54 -8.79 -31.56 7.88
C ALA A 54 -7.72 -31.50 8.98
N PRO A 55 -7.71 -32.49 9.90
CA PRO A 55 -6.76 -32.40 11.02
C PRO A 55 -5.32 -32.26 10.52
N SER A 56 -4.58 -31.31 11.07
CA SER A 56 -3.25 -30.99 10.57
C SER A 56 -2.28 -32.18 10.56
N VAL A 57 -2.40 -33.11 11.53
CA VAL A 57 -1.52 -34.26 11.54
C VAL A 57 -1.58 -35.06 10.23
N LYS A 58 -2.74 -35.08 9.57
CA LYS A 58 -2.90 -35.85 8.33
C LYS A 58 -2.79 -34.98 7.07
N SER A 59 -2.60 -33.68 7.25
CA SER A 59 -2.45 -32.75 6.12
C SER A 59 -1.17 -31.89 6.21
N TYR A 60 -1.25 -30.74 6.88
CA TYR A 60 -0.15 -29.76 6.89
C TYR A 60 1.10 -30.20 7.69
N LEU A 61 0.96 -31.23 8.53
CA LEU A 61 2.11 -31.84 9.21
C LEU A 61 2.50 -33.21 8.61
N ASN A 62 1.82 -33.62 7.54
CA ASN A 62 2.01 -34.93 6.92
C ASN A 62 3.18 -34.88 5.94
N ILE A 63 4.36 -35.24 6.44
CA ILE A 63 5.60 -35.09 5.68
C ILE A 63 5.60 -35.90 4.38
N PRO A 64 5.27 -37.21 4.45
CA PRO A 64 5.19 -38.02 3.21
C PRO A 64 4.24 -37.47 2.15
N ALA A 65 3.10 -36.97 2.59
CA ALA A 65 2.09 -36.45 1.68
C ALA A 65 2.60 -35.20 0.97
N ILE A 66 3.27 -34.32 1.70
CA ILE A 66 3.76 -33.06 1.15
C ILE A 66 4.89 -33.32 0.17
N ILE A 67 5.81 -34.20 0.54
CA ILE A 67 6.92 -34.57 -0.34
C ILE A 67 6.38 -35.28 -1.58
N SER A 68 5.41 -36.16 -1.41
CA SER A 68 4.77 -36.83 -2.56
C SER A 68 4.11 -35.83 -3.52
N ALA A 69 3.44 -34.81 -2.99
CA ALA A 69 2.87 -33.74 -3.82
C ALA A 69 3.93 -33.04 -4.65
N ALA A 70 5.08 -32.77 -4.04
CA ALA A 70 6.20 -32.16 -4.76
C ALA A 70 6.68 -33.08 -5.87
N GLU A 71 6.80 -34.37 -5.56
CA GLU A 71 7.24 -35.35 -6.56
C GLU A 71 6.27 -35.46 -7.75
N ILE A 72 4.98 -35.65 -7.47
CA ILE A 72 4.00 -35.88 -8.55
C ILE A 72 3.82 -34.67 -9.48
N THR A 73 4.00 -33.46 -8.96
CA THR A 73 3.81 -32.22 -9.73
C THR A 73 5.09 -31.74 -10.41
N GLY A 74 6.22 -32.36 -10.10
CA GLY A 74 7.50 -31.93 -10.66
C GLY A 74 7.96 -30.60 -10.10
N ALA A 75 7.58 -30.32 -8.84
CA ALA A 75 8.02 -29.10 -8.15
C ALA A 75 9.50 -29.27 -7.79
N VAL A 76 10.21 -28.15 -7.55
CA VAL A 76 11.65 -28.21 -7.26
C VAL A 76 11.99 -27.74 -5.85
N ALA A 77 11.03 -27.12 -5.17
CA ALA A 77 11.24 -26.51 -3.86
C ALA A 77 9.94 -26.48 -3.06
N ILE A 78 10.10 -26.32 -1.75
CA ILE A 78 8.97 -26.28 -0.82
C ILE A 78 9.17 -25.10 0.12
N HIS A 79 8.17 -24.22 0.16
CA HIS A 79 8.15 -23.10 1.11
C HIS A 79 7.23 -23.47 2.27
N PRO A 80 7.79 -23.55 3.49
CA PRO A 80 7.02 -24.00 4.64
C PRO A 80 6.21 -22.90 5.35
N GLY A 81 6.37 -21.64 4.93
CA GLY A 81 5.73 -20.50 5.60
C GLY A 81 6.17 -20.40 7.04
N TYR A 82 5.20 -20.12 7.93
CA TYR A 82 5.42 -20.15 9.38
C TYR A 82 4.50 -21.19 10.04
N GLY A 83 4.85 -21.55 11.28
CA GLY A 83 4.12 -22.60 11.97
C GLY A 83 4.34 -23.93 11.28
N PHE A 84 3.41 -24.85 11.46
CA PHE A 84 3.47 -26.20 10.90
C PHE A 84 4.90 -26.80 10.92
N LEU A 85 5.52 -27.00 9.76
CA LEU A 85 6.80 -27.70 9.68
C LEU A 85 7.98 -26.77 9.47
N SER A 86 7.74 -25.46 9.58
CA SER A 86 8.76 -24.47 9.18
C SER A 86 10.02 -24.52 10.05
N GLU A 87 9.87 -24.94 11.30
CA GLU A 87 11.01 -25.07 12.24
C GLU A 87 11.35 -26.54 12.51
N ASN A 88 10.87 -27.43 11.66
CA ASN A 88 11.11 -28.87 11.81
C ASN A 88 12.35 -29.28 11.01
N ALA A 89 13.46 -29.45 11.72
CA ALA A 89 14.75 -29.76 11.08
C ALA A 89 14.72 -31.10 10.37
N ASN A 90 14.06 -32.09 10.96
CA ASN A 90 13.91 -33.40 10.32
C ASN A 90 13.16 -33.28 8.98
N PHE A 91 12.13 -32.43 8.93
CA PHE A 91 11.42 -32.17 7.69
C PHE A 91 12.33 -31.54 6.64
N ALA A 92 13.05 -30.50 7.02
CA ALA A 92 14.02 -29.84 6.13
C ALA A 92 15.04 -30.85 5.59
N GLU A 93 15.55 -31.69 6.49
CA GLU A 93 16.51 -32.73 6.13
C GLU A 93 15.92 -33.69 5.09
N GLN A 94 14.71 -34.17 5.34
CA GLN A 94 14.02 -35.07 4.42
C GLN A 94 13.76 -34.42 3.06
N VAL A 95 13.36 -33.15 3.07
CA VAL A 95 13.14 -32.41 1.82
C VAL A 95 14.42 -32.40 0.97
N GLU A 96 15.55 -32.07 1.59
CA GLU A 96 16.83 -32.00 0.88
C GLU A 96 17.30 -33.40 0.47
N ARG A 97 17.15 -34.38 1.36
CA ARG A 97 17.44 -35.79 1.06
C ARG A 97 16.65 -36.27 -0.16
N SER A 98 15.40 -35.82 -0.25
CA SER A 98 14.49 -36.20 -1.34
C SER A 98 14.80 -35.48 -2.65
N GLY A 99 15.66 -34.47 -2.60
CA GLY A 99 16.15 -33.77 -3.79
C GLY A 99 15.48 -32.44 -4.10
N PHE A 100 14.67 -31.95 -3.17
CA PHE A 100 14.00 -30.66 -3.33
C PHE A 100 14.69 -29.59 -2.50
N ILE A 101 14.49 -28.33 -2.89
CA ILE A 101 15.02 -27.21 -2.14
C ILE A 101 14.06 -26.84 -1.02
N PHE A 102 14.59 -26.76 0.20
CA PHE A 102 13.84 -26.26 1.34
C PHE A 102 14.09 -24.76 1.42
N ILE A 103 13.01 -23.97 1.33
CA ILE A 103 13.13 -22.52 1.38
C ILE A 103 13.28 -22.12 2.84
N GLY A 104 14.53 -22.07 3.25
CA GLY A 104 14.93 -21.77 4.63
C GLY A 104 16.41 -22.09 4.81
N PRO A 105 16.90 -22.11 6.06
CA PRO A 105 18.32 -22.43 6.26
C PRO A 105 18.61 -23.91 6.09
N LYS A 106 19.89 -24.28 6.20
CA LYS A 106 20.26 -25.68 6.27
C LYS A 106 19.63 -26.30 7.51
N ALA A 107 19.28 -27.59 7.42
CA ALA A 107 18.65 -28.30 8.53
C ALA A 107 19.46 -28.20 9.82
N GLU A 108 20.79 -28.30 9.71
CA GLU A 108 21.67 -28.19 10.88
C GLU A 108 21.51 -26.86 11.60
N THR A 109 21.29 -25.81 10.83
CA THR A 109 21.08 -24.47 11.37
C THR A 109 19.72 -24.37 12.06
N ILE A 110 18.69 -24.98 11.48
CA ILE A 110 17.37 -25.04 12.10
C ILE A 110 17.46 -25.76 13.45
N ARG A 111 18.20 -26.86 13.46
CA ARG A 111 18.37 -27.67 14.66
C ARG A 111 19.12 -26.89 15.75
N LEU A 112 20.17 -26.18 15.34
CA LEU A 112 20.92 -25.33 16.26
C LEU A 112 20.02 -24.29 16.93
N MET A 113 19.18 -23.61 16.16
CA MET A 113 18.28 -22.58 16.71
C MET A 113 17.10 -23.12 17.49
N GLY A 114 16.69 -24.34 17.19
CA GLY A 114 15.66 -25.04 17.97
C GLY A 114 16.12 -25.55 19.32
N ASP A 115 17.43 -25.53 19.55
CA ASP A 115 18.03 -25.92 20.82
C ASP A 115 18.45 -24.59 21.45
N LYS A 116 17.64 -24.09 22.38
CA LYS A 116 17.87 -22.75 22.94
C LYS A 116 19.21 -22.59 23.65
N VAL A 117 19.65 -23.64 24.35
CA VAL A 117 20.95 -23.64 25.02
C VAL A 117 22.09 -23.51 23.99
N SER A 118 22.06 -24.37 22.98
CA SER A 118 23.07 -24.34 21.91
C SER A 118 23.03 -23.03 21.11
N ALA A 119 21.82 -22.54 20.83
CA ALA A 119 21.63 -21.27 20.13
C ALA A 119 22.27 -20.11 20.90
N ILE A 120 21.97 -20.02 22.19
CA ILE A 120 22.58 -19.00 23.05
C ILE A 120 24.12 -19.08 23.08
N ALA A 121 24.66 -20.28 23.22
CA ALA A 121 26.12 -20.48 23.19
C ALA A 121 26.73 -19.92 21.89
N ALA A 122 26.06 -20.20 20.77
CA ALA A 122 26.52 -19.74 19.47
C ALA A 122 26.48 -18.22 19.36
N MET A 123 25.39 -17.63 19.83
CA MET A 123 25.21 -16.17 19.77
C MET A 123 26.23 -15.47 20.67
N LYS A 124 26.42 -16.00 21.87
CA LYS A 124 27.37 -15.45 22.84
C LYS A 124 28.79 -15.49 22.26
N LYS A 125 29.13 -16.61 21.63
CA LYS A 125 30.42 -16.77 20.97
C LYS A 125 30.60 -15.75 19.85
N ALA A 126 29.53 -15.49 19.11
CA ALA A 126 29.58 -14.55 17.97
C ALA A 126 29.57 -13.08 18.39
N GLY A 127 29.33 -12.81 19.67
CA GLY A 127 29.37 -11.43 20.19
C GLY A 127 28.02 -10.76 20.35
N VAL A 128 26.94 -11.54 20.22
CA VAL A 128 25.59 -11.04 20.42
C VAL A 128 25.29 -11.02 21.92
N PRO A 129 24.80 -9.89 22.45
CA PRO A 129 24.48 -9.86 23.89
C PRO A 129 23.34 -10.79 24.24
N CYS A 130 23.52 -11.57 25.31
CA CYS A 130 22.50 -12.51 25.80
C CYS A 130 22.13 -12.18 27.24
N VAL A 131 21.06 -12.82 27.72
CA VAL A 131 20.64 -12.65 29.12
C VAL A 131 21.67 -13.35 30.02
N PRO A 132 22.09 -12.70 31.12
CA PRO A 132 22.92 -13.44 32.08
C PRO A 132 22.19 -14.73 32.49
N GLY A 133 22.88 -15.86 32.44
CA GLY A 133 22.25 -17.16 32.65
C GLY A 133 23.22 -18.28 32.99
N SER A 134 22.72 -19.50 32.95
CA SER A 134 23.47 -20.69 33.33
C SER A 134 24.56 -21.07 32.32
N ASP A 135 24.45 -20.58 31.08
CA ASP A 135 25.40 -20.94 30.02
C ASP A 135 25.63 -22.44 29.99
N GLY A 136 24.52 -23.15 29.92
CA GLY A 136 24.50 -24.60 29.96
C GLY A 136 23.22 -25.13 30.58
N PRO A 137 22.97 -26.44 30.39
CA PRO A 137 21.79 -27.07 30.94
C PRO A 137 21.95 -27.26 32.43
N LEU A 138 20.83 -27.18 33.17
CA LEU A 138 20.83 -27.48 34.60
C LEU A 138 20.81 -28.99 34.84
N GLY A 139 21.65 -29.46 35.76
CA GLY A 139 21.60 -30.85 36.20
C GLY A 139 20.67 -31.05 37.38
N ASP A 140 20.85 -32.16 38.09
CA ASP A 140 19.99 -32.53 39.22
C ASP A 140 20.58 -32.18 40.59
N ASP A 141 21.73 -31.53 40.59
CA ASP A 141 22.41 -31.14 41.85
C ASP A 141 21.85 -29.80 42.29
N MET A 142 20.98 -29.80 43.29
CA MET A 142 20.32 -28.57 43.74
C MET A 142 21.27 -27.62 44.48
N ASP A 143 22.36 -28.14 45.03
CA ASP A 143 23.41 -27.29 45.58
C ASP A 143 24.00 -26.46 44.43
N LYS A 144 24.31 -27.13 43.33
CA LYS A 144 24.83 -26.42 42.14
C LYS A 144 23.80 -25.44 41.57
N ASN A 145 22.53 -25.88 41.50
CA ASN A 145 21.48 -25.03 40.96
C ASN A 145 21.23 -23.78 41.81
N ARG A 146 21.26 -23.92 43.14
CA ARG A 146 21.16 -22.76 44.02
C ARG A 146 22.34 -21.79 43.81
N ALA A 147 23.54 -22.34 43.61
CA ALA A 147 24.75 -21.53 43.38
C ALA A 147 24.66 -20.74 42.08
N ILE A 148 24.12 -21.38 41.04
CA ILE A 148 23.91 -20.68 39.76
C ILE A 148 22.91 -19.53 39.95
N ALA A 149 21.80 -19.80 40.65
CA ALA A 149 20.79 -18.80 40.97
C ALA A 149 21.39 -17.61 41.73
N LYS A 150 22.23 -17.90 42.72
CA LYS A 150 22.90 -16.86 43.51
C LYS A 150 23.81 -16.00 42.65
N ARG A 151 24.59 -16.63 41.77
CA ARG A 151 25.51 -15.93 40.87
C ARG A 151 24.76 -14.98 39.92
N ILE A 152 23.67 -15.46 39.30
CA ILE A 152 22.82 -14.61 38.45
C ILE A 152 22.11 -13.55 39.29
N GLY A 153 21.57 -13.98 40.43
CA GLY A 153 20.81 -13.12 41.32
C GLY A 153 19.32 -13.24 41.06
N TYR A 154 18.56 -13.58 42.11
CA TYR A 154 17.10 -13.63 41.99
C TYR A 154 16.55 -12.26 41.64
N PRO A 155 15.44 -12.20 40.87
CA PRO A 155 14.66 -13.31 40.34
C PRO A 155 15.29 -13.95 39.10
N VAL A 156 15.06 -15.25 38.94
CA VAL A 156 15.51 -15.99 37.77
C VAL A 156 14.31 -16.62 37.09
N ILE A 157 14.55 -17.21 35.92
CA ILE A 157 13.49 -17.90 35.19
C ILE A 157 14.07 -19.18 34.61
N ILE A 158 13.29 -20.26 34.75
CA ILE A 158 13.67 -21.57 34.25
C ILE A 158 12.95 -21.74 32.91
N LYS A 159 13.70 -22.16 31.89
CA LYS A 159 13.18 -22.31 30.53
C LYS A 159 13.57 -23.68 29.97
N ALA A 160 12.71 -24.22 29.10
CA ALA A 160 12.98 -25.48 28.41
C ALA A 160 13.82 -25.23 27.16
N SER A 161 14.90 -26.00 26.99
CA SER A 161 15.78 -25.85 25.83
C SER A 161 15.07 -26.21 24.52
N GLY A 162 14.22 -27.23 24.57
CA GLY A 162 13.47 -27.68 23.38
C GLY A 162 12.19 -26.89 23.15
N GLY A 163 12.00 -25.82 23.93
CA GLY A 163 10.82 -24.97 23.84
C GLY A 163 10.97 -23.75 22.96
N GLY A 164 10.15 -22.75 23.21
CA GLY A 164 10.13 -21.52 22.40
C GLY A 164 8.87 -20.70 22.61
N GLY A 165 8.93 -19.43 22.23
CA GLY A 165 7.76 -18.55 22.23
C GLY A 165 7.20 -18.22 23.60
N GLY A 166 8.04 -18.31 24.63
CA GLY A 166 7.66 -18.00 26.00
C GLY A 166 6.82 -19.07 26.68
N ARG A 167 6.78 -20.27 26.09
CA ARG A 167 5.95 -21.36 26.59
C ARG A 167 6.62 -22.18 27.69
N GLY A 168 5.86 -22.49 28.74
CA GLY A 168 6.26 -23.48 29.74
C GLY A 168 7.37 -23.08 30.69
N MET A 169 7.48 -21.78 30.96
CA MET A 169 8.57 -21.26 31.77
C MET A 169 8.07 -20.98 33.18
N ARG A 170 8.97 -20.94 34.16
CA ARG A 170 8.58 -20.44 35.47
C ARG A 170 9.61 -19.54 36.13
N VAL A 171 9.07 -18.47 36.71
CA VAL A 171 9.84 -17.46 37.39
C VAL A 171 10.06 -17.92 38.82
N VAL A 172 11.28 -17.73 39.30
CA VAL A 172 11.67 -18.12 40.66
C VAL A 172 12.20 -16.89 41.37
N ARG A 173 11.63 -16.57 42.53
CA ARG A 173 12.01 -15.38 43.26
C ARG A 173 12.87 -15.67 44.49
N GLY A 174 13.01 -16.95 44.83
CA GLY A 174 13.88 -17.34 45.95
C GLY A 174 14.15 -18.83 45.96
N ASP A 175 15.13 -19.22 46.78
CA ASP A 175 15.54 -20.62 46.93
C ASP A 175 14.39 -21.57 47.21
N ALA A 176 13.42 -21.12 48.00
CA ALA A 176 12.33 -21.99 48.46
C ALA A 176 11.51 -22.61 47.32
N GLU A 177 11.44 -21.92 46.18
CA GLU A 177 10.68 -22.40 45.01
C GLU A 177 11.54 -22.99 43.88
N LEU A 178 12.87 -22.94 44.04
CA LEU A 178 13.77 -23.31 42.93
C LEU A 178 13.66 -24.77 42.51
N ALA A 179 13.71 -25.69 43.47
CA ALA A 179 13.71 -27.12 43.15
C ALA A 179 12.44 -27.51 42.39
N GLN A 180 11.30 -27.12 42.94
CA GLN A 180 10.00 -27.46 42.34
C GLN A 180 9.80 -26.79 40.99
N SER A 181 10.30 -25.56 40.85
CA SER A 181 10.20 -24.84 39.58
C SER A 181 11.00 -25.55 38.49
N ILE A 182 12.19 -26.00 38.84
CA ILE A 182 13.03 -26.76 37.92
C ILE A 182 12.34 -28.08 37.57
N SER A 183 11.91 -28.83 38.58
CA SER A 183 11.25 -30.12 38.36
C SER A 183 10.01 -30.02 37.44
N MET A 184 9.15 -29.07 37.71
CA MET A 184 7.92 -28.90 36.93
C MET A 184 8.19 -28.51 35.48
N THR A 185 9.15 -27.60 35.28
CA THR A 185 9.51 -27.17 33.93
C THR A 185 10.06 -28.35 33.13
N ARG A 186 10.92 -29.12 33.80
CA ARG A 186 11.49 -30.34 33.25
C ARG A 186 10.39 -31.32 32.80
N ALA A 187 9.44 -31.56 33.70
CA ALA A 187 8.38 -32.54 33.45
C ALA A 187 7.50 -32.10 32.29
N GLU A 188 7.17 -30.82 32.24
CA GLU A 188 6.32 -30.29 31.17
C GLU A 188 7.02 -30.32 29.81
N ALA A 189 8.32 -30.06 29.82
CA ALA A 189 9.13 -30.15 28.59
C ALA A 189 9.22 -31.60 28.10
N LYS A 190 9.40 -32.53 29.04
CA LYS A 190 9.47 -33.95 28.68
C LYS A 190 8.16 -34.42 28.05
N ALA A 191 7.04 -34.01 28.64
CA ALA A 191 5.71 -34.40 28.15
C ALA A 191 5.36 -33.77 26.80
N ALA A 192 5.85 -32.54 26.56
CA ALA A 192 5.54 -31.80 25.34
C ALA A 192 6.53 -32.08 24.20
N PHE A 193 7.81 -32.20 24.52
CA PHE A 193 8.90 -32.30 23.52
C PHE A 193 9.73 -33.58 23.62
N SER A 194 9.46 -34.44 24.60
CA SER A 194 10.36 -35.54 24.92
C SER A 194 11.81 -35.04 25.02
N ASN A 195 11.97 -33.86 25.61
CA ASN A 195 13.30 -33.27 25.84
C ASN A 195 13.21 -32.52 27.16
N ASP A 196 13.80 -33.08 28.21
CA ASP A 196 13.67 -32.51 29.54
C ASP A 196 14.79 -31.51 29.90
N MET A 197 15.59 -31.07 28.93
CA MET A 197 16.68 -30.14 29.23
C MET A 197 16.13 -28.75 29.55
N VAL A 198 16.63 -28.17 30.64
CA VAL A 198 16.25 -26.82 31.04
C VAL A 198 17.47 -25.96 31.34
N TYR A 199 17.28 -24.65 31.29
CA TYR A 199 18.33 -23.69 31.60
C TYR A 199 17.76 -22.56 32.43
N MET A 200 18.63 -21.66 32.89
CA MET A 200 18.26 -20.59 33.78
C MET A 200 18.76 -19.26 33.22
N GLU A 201 17.93 -18.23 33.35
CA GLU A 201 18.29 -16.86 32.97
C GLU A 201 17.89 -15.93 34.08
N LYS A 202 18.54 -14.78 34.13
CA LYS A 202 18.08 -13.66 34.94
C LYS A 202 16.68 -13.31 34.47
N TYR A 203 15.75 -13.09 35.39
CA TYR A 203 14.40 -12.68 35.02
C TYR A 203 14.30 -11.16 34.91
N LEU A 204 14.03 -10.67 33.71
CA LEU A 204 13.78 -9.24 33.49
C LEU A 204 12.31 -8.91 33.76
N GLU A 205 12.09 -7.95 34.65
CA GLU A 205 10.75 -7.64 35.16
C GLU A 205 9.84 -7.01 34.12
N ASN A 206 10.33 -6.01 33.40
CA ASN A 206 9.47 -5.25 32.49
C ASN A 206 10.16 -4.91 31.17
N PRO A 207 10.59 -5.94 30.42
CA PRO A 207 11.21 -5.71 29.13
C PRO A 207 10.21 -5.46 28.02
N ARG A 208 10.71 -4.94 26.91
CA ARG A 208 9.98 -4.89 25.64
C ARG A 208 10.53 -6.02 24.76
N HIS A 209 9.69 -6.50 23.85
CA HIS A 209 10.11 -7.47 22.84
C HIS A 209 10.51 -6.70 21.58
N VAL A 210 11.81 -6.72 21.27
CA VAL A 210 12.36 -6.08 20.06
C VAL A 210 13.16 -7.13 19.30
N GLU A 211 12.78 -7.34 18.03
CA GLU A 211 13.43 -8.38 17.22
C GLU A 211 14.02 -7.78 15.95
N ILE A 212 15.13 -8.36 15.49
CA ILE A 212 15.86 -7.89 14.32
C ILE A 212 15.63 -8.84 13.15
N GLN A 213 15.23 -8.28 12.00
CA GLN A 213 15.11 -9.04 10.76
C GLN A 213 16.46 -9.15 10.05
N VAL A 214 16.84 -10.36 9.66
CA VAL A 214 18.03 -10.56 8.82
C VAL A 214 17.67 -11.28 7.52
N LEU A 215 18.57 -11.14 6.54
CA LEU A 215 18.58 -11.94 5.34
C LEU A 215 20.04 -12.30 5.06
N ALA A 216 20.30 -13.55 4.68
CA ALA A 216 21.62 -13.99 4.28
C ALA A 216 21.51 -14.84 3.02
N ASP A 217 22.38 -14.62 2.04
CA ASP A 217 22.37 -15.41 0.81
C ASP A 217 23.48 -16.47 0.82
N GLY A 218 23.58 -17.24 -0.26
CA GLY A 218 24.60 -18.27 -0.36
C GLY A 218 25.90 -17.75 -0.95
N GLN A 219 25.99 -16.43 -1.11
CA GLN A 219 27.18 -15.74 -1.60
C GLN A 219 27.98 -15.10 -0.45
N GLY A 220 27.51 -15.29 0.78
CA GLY A 220 28.21 -14.78 1.97
C GLY A 220 27.75 -13.42 2.42
N ASN A 221 26.77 -12.83 1.72
CA ASN A 221 26.19 -11.56 2.16
C ASN A 221 25.18 -11.78 3.28
N ALA A 222 25.17 -10.88 4.25
CA ALA A 222 24.21 -10.96 5.35
C ALA A 222 23.91 -9.54 5.79
N ILE A 223 22.63 -9.20 5.81
CA ILE A 223 22.18 -7.85 6.14
C ILE A 223 21.08 -7.87 7.21
N TYR A 224 20.93 -6.74 7.91
CA TYR A 224 19.85 -6.58 8.86
C TYR A 224 18.90 -5.50 8.33
N LEU A 225 17.61 -5.72 8.57
CA LEU A 225 16.56 -4.83 8.08
C LEU A 225 15.81 -4.27 9.27
N ALA A 226 16.55 -3.55 10.10
CA ALA A 226 16.01 -2.87 11.26
C ALA A 226 15.28 -3.83 12.19
N GLU A 227 14.38 -3.29 13.01
CA GLU A 227 13.77 -4.02 14.11
C GLU A 227 12.26 -3.87 14.09
N ARG A 228 11.61 -4.70 14.90
CA ARG A 228 10.19 -4.63 15.15
C ARG A 228 9.95 -4.75 16.64
N ASP A 229 9.03 -3.93 17.15
CA ASP A 229 8.56 -4.10 18.52
C ASP A 229 7.28 -4.94 18.51
N CYS A 230 7.28 -6.03 19.27
CA CYS A 230 6.13 -6.93 19.34
C CYS A 230 5.70 -7.15 20.79
N SER A 231 5.76 -6.08 21.59
CA SER A 231 5.52 -6.19 23.03
C SER A 231 4.04 -6.38 23.39
N MET A 232 3.13 -5.97 22.52
CA MET A 232 1.69 -6.07 22.79
C MET A 232 1.26 -7.54 22.59
N GLN A 233 1.06 -8.23 23.72
CA GLN A 233 0.86 -9.68 23.71
C GLN A 233 -0.25 -10.15 24.66
N ARG A 234 -0.80 -11.32 24.37
CA ARG A 234 -1.67 -12.03 25.31
C ARG A 234 -1.23 -13.49 25.35
N ARG A 235 -0.92 -13.99 26.54
CA ARG A 235 -0.40 -15.36 26.70
C ARG A 235 0.76 -15.65 25.73
N HIS A 236 1.69 -14.70 25.68
CA HIS A 236 2.90 -14.76 24.85
C HIS A 236 2.64 -14.71 23.34
N GLN A 237 1.39 -14.46 22.95
CA GLN A 237 0.99 -14.37 21.56
C GLN A 237 0.96 -12.90 21.16
N LYS A 238 1.64 -12.55 20.07
CA LYS A 238 1.68 -11.16 19.61
C LYS A 238 0.31 -10.75 19.08
N VAL A 239 -0.07 -9.50 19.34
CA VAL A 239 -1.37 -8.95 18.96
C VAL A 239 -1.18 -7.77 18.00
N VAL A 240 -0.21 -6.91 18.33
CA VAL A 240 0.20 -5.78 17.52
C VAL A 240 1.71 -5.83 17.36
N GLU A 241 2.20 -5.52 16.16
CA GLU A 241 3.63 -5.34 15.94
C GLU A 241 3.87 -4.05 15.18
N GLU A 242 5.04 -3.48 15.36
CA GLU A 242 5.38 -2.24 14.66
C GLU A 242 6.85 -2.14 14.34
N ALA A 243 7.17 -1.32 13.35
CA ALA A 243 8.53 -1.06 12.93
C ALA A 243 8.64 0.38 12.44
N PRO A 244 9.74 1.07 12.79
CA PRO A 244 10.78 0.65 13.73
C PRO A 244 10.24 0.62 15.16
N ALA A 245 11.07 0.23 16.12
CA ALA A 245 10.67 0.21 17.54
C ALA A 245 10.83 1.62 18.13
N PRO A 246 9.77 2.18 18.74
CA PRO A 246 9.89 3.51 19.33
C PRO A 246 11.06 3.63 20.32
N GLY A 247 11.82 4.72 20.24
CA GLY A 247 12.92 4.94 21.17
C GLY A 247 14.27 4.38 20.76
N ILE A 248 14.29 3.48 19.78
CA ILE A 248 15.52 2.93 19.24
C ILE A 248 16.17 3.94 18.30
N THR A 249 17.35 4.41 18.69
CA THR A 249 18.09 5.39 17.93
C THR A 249 18.78 4.69 16.75
N PRO A 250 19.14 5.46 15.71
CA PRO A 250 19.97 4.91 14.64
C PRO A 250 21.25 4.22 15.14
N GLU A 251 21.83 4.75 16.22
CA GLU A 251 23.08 4.19 16.76
C GLU A 251 22.88 2.83 17.40
N LEU A 252 21.82 2.71 18.22
CA LEU A 252 21.43 1.43 18.81
C LEU A 252 21.06 0.43 17.72
N ARG A 253 20.30 0.88 16.74
CA ARG A 253 19.89 0.03 15.61
C ARG A 253 21.11 -0.57 14.94
N ARG A 254 22.09 0.30 14.67
CA ARG A 254 23.33 -0.10 14.01
C ARG A 254 24.10 -1.08 14.88
N TYR A 255 24.25 -0.74 16.16
CA TYR A 255 24.96 -1.59 17.11
C TYR A 255 24.46 -3.03 17.09
N ILE A 256 23.16 -3.20 17.29
CA ILE A 256 22.57 -4.53 17.43
C ILE A 256 22.44 -5.24 16.07
N GLY A 257 22.06 -4.47 15.05
CA GLY A 257 21.96 -5.00 13.69
C GLY A 257 23.26 -5.60 13.18
N GLU A 258 24.36 -4.87 13.35
CA GLU A 258 25.68 -5.35 12.93
C GLU A 258 26.07 -6.64 13.64
N ARG A 259 25.77 -6.75 14.94
CA ARG A 259 26.07 -7.96 15.69
C ARG A 259 25.26 -9.16 15.19
N CYS A 260 24.01 -8.93 14.82
CA CYS A 260 23.17 -9.99 14.25
C CYS A 260 23.67 -10.45 12.88
N ALA A 261 24.04 -9.50 12.03
CA ALA A 261 24.57 -9.84 10.71
C ALA A 261 25.90 -10.62 10.85
N LYS A 262 26.74 -10.21 11.78
CA LYS A 262 28.01 -10.87 12.05
C LYS A 262 27.77 -12.31 12.49
N ALA A 263 26.80 -12.50 13.38
CA ALA A 263 26.41 -13.84 13.84
C ALA A 263 26.00 -14.73 12.67
N CYS A 264 25.21 -14.18 11.73
CA CYS A 264 24.80 -14.91 10.54
C CYS A 264 26.01 -15.43 9.76
N VAL A 265 27.01 -14.57 9.59
CA VAL A 265 28.23 -14.96 8.88
C VAL A 265 28.92 -16.09 9.64
N ASP A 266 29.07 -15.92 10.95
CA ASP A 266 29.76 -16.91 11.77
C ASP A 266 29.14 -18.29 11.69
N ILE A 267 27.80 -18.36 11.68
CA ILE A 267 27.10 -19.65 11.75
C ILE A 267 26.71 -20.20 10.37
N GLY A 268 27.04 -19.48 9.30
CA GLY A 268 26.64 -19.90 7.96
C GLY A 268 25.14 -19.90 7.76
N TYR A 269 24.48 -18.86 8.28
CA TYR A 269 23.04 -18.71 8.12
C TYR A 269 22.68 -18.44 6.66
N ARG A 270 21.49 -18.90 6.27
CA ARG A 270 20.95 -18.68 4.93
C ARG A 270 19.45 -18.45 5.00
N GLY A 271 18.99 -17.44 4.26
CA GLY A 271 17.59 -17.12 4.14
C GLY A 271 17.18 -16.01 5.09
N ALA A 272 15.87 -15.85 5.25
CA ALA A 272 15.29 -14.93 6.23
C ALA A 272 15.46 -15.53 7.62
N GLY A 273 15.61 -14.66 8.61
CA GLY A 273 15.65 -15.08 10.01
C GLY A 273 15.34 -13.90 10.92
N THR A 274 14.96 -14.19 12.16
CA THR A 274 14.65 -13.17 13.14
C THR A 274 15.41 -13.44 14.45
N PHE A 275 16.19 -12.46 14.92
CA PHE A 275 16.82 -12.51 16.25
C PHE A 275 15.89 -11.80 17.25
N GLU A 276 15.34 -12.54 18.22
CA GLU A 276 14.48 -11.97 19.26
C GLU A 276 15.29 -11.51 20.46
N PHE A 277 15.04 -10.28 20.90
CA PHE A 277 15.68 -9.70 22.07
C PHE A 277 14.64 -9.21 23.08
N LEU A 278 15.01 -9.30 24.34
CA LEU A 278 14.40 -8.49 25.38
C LEU A 278 15.20 -7.20 25.45
N PHE A 279 14.49 -6.08 25.51
CA PHE A 279 15.08 -4.76 25.56
C PHE A 279 14.60 -4.07 26.84
N GLU A 280 15.54 -3.73 27.72
CA GLU A 280 15.21 -3.10 29.01
C GLU A 280 16.36 -2.20 29.43
N ASN A 281 16.02 -1.02 29.96
CA ASN A 281 17.02 -0.03 30.39
C ASN A 281 18.09 0.22 29.32
N GLY A 282 17.65 0.37 28.08
CA GLY A 282 18.54 0.69 26.97
C GLY A 282 19.46 -0.43 26.48
N GLU A 283 19.23 -1.65 26.96
CA GLU A 283 20.12 -2.78 26.66
C GLU A 283 19.34 -3.91 25.98
N PHE A 284 19.97 -4.55 24.99
CA PHE A 284 19.41 -5.74 24.32
C PHE A 284 19.96 -7.03 24.94
N TYR A 285 19.09 -8.03 25.05
CA TYR A 285 19.48 -9.37 25.49
C TYR A 285 18.82 -10.42 24.61
N PHE A 286 19.63 -11.15 23.86
CA PHE A 286 19.13 -12.20 22.97
C PHE A 286 18.42 -13.29 23.76
N ILE A 287 17.27 -13.74 23.27
CA ILE A 287 16.58 -14.90 23.87
C ILE A 287 16.46 -16.10 22.94
N GLU A 288 16.11 -15.86 21.68
CA GLU A 288 15.97 -16.94 20.71
C GLU A 288 15.91 -16.42 19.28
N MET A 289 16.15 -17.33 18.34
CA MET A 289 16.13 -17.01 16.92
C MET A 289 15.08 -17.87 16.22
N ASN A 290 14.29 -17.24 15.38
CA ASN A 290 13.36 -17.95 14.51
C ASN A 290 13.94 -17.99 13.11
N THR A 291 13.97 -19.17 12.51
CA THR A 291 14.61 -19.33 11.20
C THR A 291 13.62 -19.10 10.03
N ARG A 292 12.34 -19.14 10.33
CA ARG A 292 11.29 -18.95 9.34
C ARG A 292 11.07 -17.47 9.02
N ILE A 293 10.33 -17.19 7.94
CA ILE A 293 9.65 -15.89 7.81
C ILE A 293 8.59 -15.87 8.90
N GLN A 294 8.26 -14.70 9.43
CA GLN A 294 7.26 -14.62 10.48
C GLN A 294 5.99 -13.87 10.09
N VAL A 295 4.96 -14.09 10.87
CA VAL A 295 3.67 -13.42 10.72
C VAL A 295 3.88 -11.94 10.46
N GLU A 296 4.69 -11.30 11.32
CA GLU A 296 4.83 -9.85 11.37
C GLU A 296 5.82 -9.25 10.34
N HIS A 297 6.28 -10.05 9.39
CA HIS A 297 7.23 -9.57 8.39
C HIS A 297 6.80 -8.31 7.61
N PRO A 298 5.49 -8.14 7.33
CA PRO A 298 5.08 -6.98 6.51
C PRO A 298 5.46 -5.61 7.06
N VAL A 299 5.51 -5.42 8.38
CA VAL A 299 5.88 -4.09 8.92
C VAL A 299 7.31 -3.70 8.48
N THR A 300 8.21 -4.67 8.42
CA THR A 300 9.59 -4.44 7.98
C THR A 300 9.64 -4.11 6.49
N GLU A 301 8.81 -4.78 5.70
CA GLU A 301 8.71 -4.52 4.27
C GLU A 301 8.29 -3.07 4.00
N MET A 302 7.33 -2.58 4.78
CA MET A 302 6.78 -1.24 4.56
C MET A 302 7.83 -0.16 4.79
N ILE A 303 8.67 -0.34 5.82
CA ILE A 303 9.63 0.70 6.20
C ILE A 303 10.98 0.60 5.47
N THR A 304 11.23 -0.53 4.79
CA THR A 304 12.48 -0.73 4.05
C THR A 304 12.32 -0.86 2.53
N GLY A 305 11.10 -1.17 2.07
CA GLY A 305 10.87 -1.41 0.64
C GLY A 305 11.26 -2.80 0.16
N VAL A 306 11.82 -3.62 1.04
CA VAL A 306 12.31 -4.96 0.64
C VAL A 306 11.18 -5.97 0.75
N ASP A 307 10.99 -6.73 -0.32
CA ASP A 307 10.00 -7.80 -0.36
C ASP A 307 10.70 -9.05 0.18
N LEU A 308 10.38 -9.41 1.42
CA LEU A 308 11.12 -10.46 2.11
C LEU A 308 10.87 -11.85 1.54
N ILE A 309 9.64 -12.09 1.08
CA ILE A 309 9.30 -13.39 0.47
C ILE A 309 10.04 -13.54 -0.86
N LYS A 310 10.03 -12.51 -1.69
CA LYS A 310 10.78 -12.58 -2.95
C LYS A 310 12.27 -12.82 -2.67
N GLU A 311 12.84 -12.18 -1.64
CA GLU A 311 14.24 -12.43 -1.26
C GLU A 311 14.47 -13.89 -0.87
N GLN A 312 13.58 -14.46 -0.07
CA GLN A 312 13.66 -15.88 0.28
C GLN A 312 13.78 -16.74 -0.97
N LEU A 313 12.93 -16.45 -1.95
CA LEU A 313 12.88 -17.24 -3.19
C LEU A 313 14.14 -17.02 -4.03
N ARG A 314 14.58 -15.78 -4.14
CA ARG A 314 15.83 -15.47 -4.83
C ARG A 314 17.02 -16.22 -4.22
N ILE A 315 17.11 -16.16 -2.89
CA ILE A 315 18.20 -16.81 -2.16
C ILE A 315 18.22 -18.31 -2.42
N ALA A 316 17.04 -18.94 -2.35
CA ALA A 316 16.91 -20.39 -2.57
C ALA A 316 17.30 -20.79 -3.99
N ALA A 317 17.08 -19.89 -4.95
CA ALA A 317 17.50 -20.11 -6.34
C ALA A 317 19.00 -19.97 -6.57
N GLY A 318 19.72 -19.37 -5.62
CA GLY A 318 21.15 -19.10 -5.74
C GLY A 318 21.47 -17.69 -6.19
N GLN A 319 20.50 -16.78 -6.13
CA GLN A 319 20.76 -15.37 -6.44
C GLN A 319 21.23 -14.65 -5.20
N PRO A 320 22.08 -13.63 -5.36
CA PRO A 320 22.53 -12.87 -4.21
C PRO A 320 21.42 -11.93 -3.75
N LEU A 321 21.54 -11.38 -2.55
CA LEU A 321 20.53 -10.45 -2.06
C LEU A 321 20.38 -9.30 -3.05
N SER A 322 19.15 -8.82 -3.24
CA SER A 322 18.89 -7.76 -4.22
C SER A 322 19.33 -6.38 -3.73
N ILE A 323 19.69 -6.28 -2.45
CA ILE A 323 20.12 -5.01 -1.84
C ILE A 323 21.32 -5.20 -0.90
N LYS A 324 22.17 -4.19 -0.84
CA LYS A 324 23.30 -4.15 0.09
C LYS A 324 22.91 -3.39 1.36
N GLN A 325 23.69 -3.57 2.43
CA GLN A 325 23.39 -2.94 3.71
C GLN A 325 23.29 -1.40 3.60
N GLU A 326 24.22 -0.80 2.85
CA GLU A 326 24.23 0.66 2.69
C GLU A 326 23.03 1.18 1.89
N GLU A 327 22.32 0.27 1.22
CA GLU A 327 21.08 0.61 0.51
C GLU A 327 19.81 0.40 1.34
N VAL A 328 19.94 -0.19 2.53
CA VAL A 328 18.80 -0.37 3.43
C VAL A 328 18.62 0.88 4.28
N HIS A 329 17.46 1.52 4.15
CA HIS A 329 17.13 2.72 4.93
C HIS A 329 15.73 2.63 5.56
N VAL A 330 15.65 2.88 6.85
CA VAL A 330 14.38 2.97 7.55
C VAL A 330 13.70 4.27 7.13
N ARG A 331 12.50 4.16 6.55
CA ARG A 331 11.71 5.32 6.19
C ARG A 331 10.28 5.13 6.69
N GLY A 332 9.78 6.12 7.41
CA GLY A 332 8.40 6.07 7.91
C GLY A 332 8.21 5.07 9.05
N HIS A 333 6.98 4.63 9.22
CA HIS A 333 6.61 3.77 10.32
C HIS A 333 5.43 2.90 9.91
N ALA A 334 5.42 1.65 10.37
CA ALA A 334 4.32 0.74 10.07
C ALA A 334 3.83 0.01 11.32
N VAL A 335 2.51 -0.15 11.42
CA VAL A 335 1.87 -0.92 12.48
C VAL A 335 1.06 -2.07 11.86
N GLU A 336 1.12 -3.25 12.48
CA GLU A 336 0.29 -4.40 12.11
C GLU A 336 -0.63 -4.78 13.27
N CYS A 337 -1.91 -4.92 12.94
CA CYS A 337 -2.90 -5.47 13.86
C CYS A 337 -3.31 -6.84 13.35
N ARG A 338 -3.10 -7.88 14.15
CA ARG A 338 -3.58 -9.21 13.80
C ARG A 338 -5.09 -9.29 13.96
N ILE A 339 -5.77 -9.83 12.95
CA ILE A 339 -7.21 -10.03 13.02
C ILE A 339 -7.51 -11.52 13.25
N ASN A 340 -8.15 -11.79 14.40
CA ASN A 340 -8.43 -13.12 14.88
C ASN A 340 -9.94 -13.35 14.94
N ALA A 341 -10.37 -14.53 14.52
CA ALA A 341 -11.73 -15.00 14.75
C ALA A 341 -11.76 -15.61 16.16
N GLU A 342 -12.13 -14.80 17.13
CA GLU A 342 -12.12 -15.19 18.54
C GLU A 342 -13.27 -14.55 19.30
N ASP A 343 -13.70 -15.22 20.36
CA ASP A 343 -14.72 -14.68 21.24
C ASP A 343 -14.07 -13.60 22.12
N PRO A 344 -14.71 -12.43 22.25
CA PRO A 344 -14.12 -11.31 22.99
C PRO A 344 -14.03 -11.52 24.51
N ASN A 345 -14.84 -12.42 25.05
CA ASN A 345 -14.89 -12.68 26.48
C ASN A 345 -14.05 -13.88 26.89
N THR A 346 -14.04 -14.93 26.09
CA THR A 346 -13.27 -16.14 26.39
C THR A 346 -11.90 -16.19 25.70
N PHE A 347 -11.75 -15.41 24.62
CA PHE A 347 -10.60 -15.48 23.71
C PHE A 347 -10.41 -16.85 23.05
N LEU A 348 -11.43 -17.70 23.06
CA LEU A 348 -11.37 -18.97 22.35
C LEU A 348 -11.61 -18.71 20.86
N PRO A 349 -11.07 -19.59 20.00
CA PRO A 349 -11.34 -19.45 18.58
C PRO A 349 -12.83 -19.44 18.29
N SER A 350 -13.23 -18.63 17.30
CA SER A 350 -14.63 -18.46 16.94
C SER A 350 -14.84 -18.71 15.44
N PRO A 351 -14.78 -19.99 15.02
CA PRO A 351 -14.94 -20.32 13.60
C PRO A 351 -16.36 -20.14 13.11
N GLY A 352 -16.53 -20.20 11.80
CA GLY A 352 -17.85 -20.03 11.19
C GLY A 352 -17.79 -19.37 9.84
N LYS A 353 -18.97 -19.12 9.29
CA LYS A 353 -19.11 -18.60 7.94
C LYS A 353 -19.22 -17.08 7.95
N ILE A 354 -18.36 -16.45 7.16
CA ILE A 354 -18.38 -14.99 6.98
C ILE A 354 -19.50 -14.64 6.00
N THR A 355 -20.43 -13.79 6.45
CA THR A 355 -21.64 -13.48 5.67
C THR A 355 -21.54 -12.18 4.89
N ARG A 356 -20.76 -11.23 5.42
CA ARG A 356 -20.46 -9.98 4.73
C ARG A 356 -19.00 -9.67 5.02
N PHE A 357 -18.28 -9.24 3.99
CA PHE A 357 -16.89 -8.87 4.16
C PHE A 357 -16.57 -7.63 3.33
N HIS A 358 -15.86 -6.70 3.95
CA HIS A 358 -15.32 -5.56 3.23
C HIS A 358 -13.95 -5.16 3.79
N ALA A 359 -12.97 -5.04 2.90
CA ALA A 359 -11.61 -4.70 3.30
C ALA A 359 -11.37 -3.20 3.22
N PRO A 360 -10.54 -2.67 4.11
CA PRO A 360 -10.19 -1.26 4.02
C PRO A 360 -9.25 -0.99 2.85
N GLY A 361 -9.17 0.26 2.42
CA GLY A 361 -8.26 0.64 1.33
C GLY A 361 -7.66 2.00 1.62
N GLY A 362 -6.94 2.52 0.65
CA GLY A 362 -6.34 3.84 0.77
C GLY A 362 -4.82 3.88 0.81
N PHE A 363 -4.29 5.09 0.90
CA PHE A 363 -2.87 5.33 0.92
C PHE A 363 -2.29 4.75 2.20
N GLY A 364 -1.28 3.90 2.04
CA GLY A 364 -0.58 3.31 3.19
C GLY A 364 -1.27 2.12 3.85
N VAL A 365 -2.37 1.65 3.27
CA VAL A 365 -3.18 0.58 3.85
C VAL A 365 -2.91 -0.73 3.11
N ARG A 366 -2.52 -1.76 3.85
CA ARG A 366 -2.21 -3.05 3.30
C ARG A 366 -2.97 -4.13 4.07
N TRP A 367 -3.82 -4.88 3.37
CA TRP A 367 -4.64 -5.92 3.96
C TRP A 367 -4.13 -7.27 3.47
N GLU A 368 -3.73 -8.12 4.41
CA GLU A 368 -3.17 -9.44 4.11
C GLU A 368 -4.14 -10.50 4.63
N SER A 369 -4.94 -11.09 3.74
CA SER A 369 -5.93 -12.07 4.15
C SER A 369 -6.54 -12.82 2.97
N HIS A 370 -6.77 -14.10 3.22
CA HIS A 370 -7.47 -15.01 2.32
C HIS A 370 -9.02 -14.96 2.46
N ILE A 371 -9.53 -14.27 3.48
CA ILE A 371 -10.98 -14.31 3.70
C ILE A 371 -11.77 -13.55 2.65
N TYR A 372 -13.01 -13.98 2.46
CA TYR A 372 -13.92 -13.36 1.52
C TYR A 372 -15.36 -13.65 1.94
N ALA A 373 -16.30 -12.89 1.38
CA ALA A 373 -17.72 -13.07 1.73
C ALA A 373 -18.19 -14.47 1.32
N GLY A 374 -18.76 -15.20 2.28
CA GLY A 374 -19.20 -16.58 2.06
C GLY A 374 -18.17 -17.63 2.45
N TYR A 375 -16.95 -17.20 2.79
CA TYR A 375 -15.89 -18.11 3.22
C TYR A 375 -16.17 -18.63 4.62
N THR A 376 -15.95 -19.93 4.83
CA THR A 376 -16.04 -20.54 6.15
C THR A 376 -14.66 -20.71 6.78
N VAL A 377 -14.48 -20.09 7.94
CA VAL A 377 -13.30 -20.28 8.77
C VAL A 377 -13.43 -21.64 9.46
N PRO A 378 -12.57 -22.61 9.10
CA PRO A 378 -12.68 -23.93 9.75
C PRO A 378 -12.23 -23.90 11.20
N PRO A 379 -12.69 -24.87 12.01
CA PRO A 379 -12.27 -25.00 13.41
C PRO A 379 -10.88 -25.63 13.65
N TYR A 380 -10.23 -26.15 12.61
CA TYR A 380 -9.07 -27.03 12.76
C TYR A 380 -7.72 -26.32 12.86
N TYR A 381 -7.71 -25.02 12.60
CA TYR A 381 -6.45 -24.29 12.46
C TYR A 381 -6.45 -23.04 13.35
N ASP A 382 -5.40 -22.24 13.22
CA ASP A 382 -5.20 -21.06 14.06
C ASP A 382 -6.31 -20.03 13.89
N SER A 383 -6.51 -19.21 14.92
CA SER A 383 -7.58 -18.21 14.90
C SER A 383 -7.27 -16.99 14.03
N MET A 384 -6.01 -16.79 13.66
CA MET A 384 -5.66 -15.60 12.89
C MET A 384 -6.12 -15.74 11.45
N ILE A 385 -7.00 -14.83 11.03
CA ILE A 385 -7.62 -14.88 9.71
C ILE A 385 -7.14 -13.77 8.78
N GLY A 386 -6.48 -12.76 9.35
CA GLY A 386 -5.94 -11.69 8.52
C GLY A 386 -5.03 -10.78 9.31
N LYS A 387 -4.36 -9.90 8.56
CA LYS A 387 -3.46 -8.91 9.13
C LYS A 387 -3.69 -7.58 8.43
N LEU A 388 -3.89 -6.54 9.21
CA LEU A 388 -4.06 -5.19 8.69
C LEU A 388 -2.78 -4.42 9.00
N ILE A 389 -2.11 -3.92 7.97
CA ILE A 389 -0.85 -3.21 8.15
C ILE A 389 -1.02 -1.79 7.59
N CYS A 390 -0.69 -0.79 8.40
CA CYS A 390 -0.75 0.60 7.92
C CYS A 390 0.59 1.28 8.08
N TYR A 391 0.96 2.00 7.03
CA TYR A 391 2.21 2.72 6.95
C TYR A 391 1.93 4.22 6.90
N GLY A 392 2.79 4.99 7.57
CA GLY A 392 2.78 6.45 7.46
C GLY A 392 4.18 7.03 7.49
N GLU A 393 4.28 8.33 7.21
CA GLU A 393 5.56 9.04 7.27
C GLU A 393 6.12 9.11 8.70
N ASN A 394 5.25 8.94 9.68
CA ASN A 394 5.68 8.79 11.07
C ASN A 394 4.68 7.89 11.83
N ARG A 395 5.02 7.61 13.09
CA ARG A 395 4.22 6.69 13.92
C ARG A 395 2.77 7.18 14.09
N ASP A 396 2.60 8.48 14.31
CA ASP A 396 1.26 9.03 14.53
C ASP A 396 0.36 8.84 13.31
N VAL A 397 0.90 9.05 12.11
CA VAL A 397 0.14 8.86 10.88
C VAL A 397 -0.23 7.39 10.69
N ALA A 398 0.72 6.50 10.98
CA ALA A 398 0.48 5.06 10.87
C ALA A 398 -0.68 4.63 11.79
N ILE A 399 -0.66 5.12 13.03
CA ILE A 399 -1.74 4.83 13.99
C ILE A 399 -3.09 5.42 13.54
N ALA A 400 -3.07 6.67 13.05
CA ALA A 400 -4.27 7.32 12.52
C ALA A 400 -4.88 6.51 11.38
N ARG A 401 -4.04 6.07 10.46
CA ARG A 401 -4.53 5.29 9.33
C ARG A 401 -5.07 3.94 9.79
N MET A 402 -4.42 3.30 10.77
CA MET A 402 -4.93 2.04 11.32
C MET A 402 -6.32 2.20 11.93
N LYS A 403 -6.51 3.25 12.73
CA LYS A 403 -7.83 3.57 13.29
C LYS A 403 -8.89 3.65 12.19
N ASN A 404 -8.62 4.43 11.13
CA ASN A 404 -9.55 4.58 10.01
C ASN A 404 -9.82 3.26 9.30
N ALA A 405 -8.76 2.50 9.05
CA ALA A 405 -8.87 1.25 8.32
C ALA A 405 -9.64 0.20 9.13
N LEU A 406 -9.41 0.15 10.44
CA LEU A 406 -10.20 -0.74 11.32
C LEU A 406 -11.69 -0.43 11.27
N GLN A 407 -12.05 0.84 11.12
CA GLN A 407 -13.45 1.26 11.05
C GLN A 407 -14.12 0.85 9.73
N GLU A 408 -13.33 0.74 8.66
CA GLU A 408 -13.85 0.30 7.35
C GLU A 408 -13.96 -1.21 7.25
N LEU A 409 -13.15 -1.92 8.03
CA LEU A 409 -13.12 -3.36 7.97
C LEU A 409 -14.45 -3.92 8.46
N ILE A 410 -15.10 -4.71 7.60
CA ILE A 410 -16.33 -5.42 7.96
C ILE A 410 -16.08 -6.92 7.86
N ILE A 411 -16.32 -7.61 8.96
CA ILE A 411 -16.33 -9.07 8.96
C ILE A 411 -17.52 -9.53 9.78
N ASP A 412 -18.65 -9.80 9.11
CA ASP A 412 -19.87 -10.25 9.80
C ASP A 412 -20.02 -11.75 9.72
N GLY A 413 -20.76 -12.32 10.68
CA GLY A 413 -21.04 -13.76 10.70
C GLY A 413 -20.19 -14.55 11.69
N ILE A 414 -19.06 -13.97 12.08
CA ILE A 414 -18.17 -14.54 13.09
C ILE A 414 -17.68 -13.41 14.02
N LYS A 415 -17.28 -13.78 15.22
CA LYS A 415 -16.76 -12.83 16.19
C LYS A 415 -15.29 -12.60 15.87
N THR A 416 -14.85 -11.34 15.92
CA THR A 416 -13.45 -11.02 15.70
C THR A 416 -12.95 -10.04 16.75
N ASN A 417 -11.64 -9.79 16.73
CA ASN A 417 -10.99 -8.88 17.67
C ASN A 417 -10.80 -7.45 17.12
N VAL A 418 -11.56 -7.08 16.10
CA VAL A 418 -11.46 -5.73 15.51
C VAL A 418 -11.70 -4.67 16.60
N ASP A 419 -12.73 -4.85 17.41
CA ASP A 419 -13.07 -3.87 18.45
C ASP A 419 -11.95 -3.72 19.49
N LEU A 420 -11.32 -4.83 19.86
CA LEU A 420 -10.16 -4.80 20.75
C LEU A 420 -8.99 -4.04 20.11
N GLN A 421 -8.73 -4.30 18.83
CA GLN A 421 -7.66 -3.59 18.13
C GLN A 421 -7.93 -2.08 18.10
N ILE A 422 -9.18 -1.69 17.90
CA ILE A 422 -9.57 -0.28 17.95
C ILE A 422 -9.25 0.30 19.32
N ARG A 423 -9.58 -0.45 20.39
CA ARG A 423 -9.28 -0.03 21.76
C ARG A 423 -7.78 0.16 21.97
N ILE A 424 -6.97 -0.75 21.44
CA ILE A 424 -5.52 -0.67 21.61
C ILE A 424 -4.96 0.57 20.89
N MET A 425 -5.44 0.84 19.67
CA MET A 425 -4.99 2.00 18.92
C MET A 425 -5.35 3.30 19.64
N ASN A 426 -6.45 3.29 20.39
CA ASN A 426 -6.88 4.46 21.16
C ASN A 426 -6.29 4.53 22.58
N ASP A 427 -5.46 3.56 22.93
CA ASP A 427 -4.84 3.51 24.25
C ASP A 427 -3.76 4.60 24.37
N GLU A 428 -3.85 5.43 25.41
CA GLU A 428 -2.92 6.56 25.56
C GLU A 428 -1.45 6.11 25.75
N ASN A 429 -1.26 4.97 26.39
CA ASN A 429 0.09 4.45 26.61
C ASN A 429 0.68 3.88 25.32
N PHE A 430 -0.14 3.17 24.54
CA PHE A 430 0.27 2.77 23.20
C PHE A 430 0.59 3.98 22.33
N GLN A 431 -0.26 5.00 22.39
CA GLN A 431 -0.04 6.21 21.60
C GLN A 431 1.28 6.89 21.95
N HIS A 432 1.62 6.90 23.23
CA HIS A 432 2.94 7.38 23.69
C HIS A 432 4.06 6.46 23.18
N GLY A 433 3.81 5.15 23.26
CA GLY A 433 4.75 4.15 22.74
C GLY A 433 5.66 3.58 23.82
N GLY A 434 6.30 2.45 23.49
CA GLY A 434 7.26 1.81 24.39
C GLY A 434 6.66 1.01 25.53
N THR A 435 5.41 0.60 25.41
CA THR A 435 4.77 -0.26 26.41
C THR A 435 5.48 -1.61 26.46
N ASN A 436 5.48 -2.23 27.63
CA ASN A 436 6.25 -3.47 27.85
C ASN A 436 5.43 -4.75 27.60
N ILE A 437 6.07 -5.91 27.75
CA ILE A 437 5.45 -7.18 27.37
C ILE A 437 4.24 -7.59 28.22
N HIS A 438 4.05 -6.91 29.36
CA HIS A 438 2.94 -7.18 30.28
C HIS A 438 1.78 -6.22 30.14
N TYR A 439 1.92 -5.21 29.28
CA TYR A 439 0.95 -4.13 29.26
C TYR A 439 -0.47 -4.56 28.88
N LEU A 440 -0.63 -5.30 27.77
CA LEU A 440 -1.98 -5.60 27.30
C LEU A 440 -2.77 -6.39 28.34
N GLU A 441 -2.15 -7.40 28.94
CA GLU A 441 -2.81 -8.20 29.96
C GLU A 441 -3.14 -7.37 31.21
N LYS A 442 -2.30 -6.40 31.53
CA LYS A 442 -2.59 -5.44 32.60
C LYS A 442 -3.80 -4.54 32.27
N LYS A 443 -3.79 -3.97 31.07
CA LYS A 443 -4.91 -3.15 30.57
C LYS A 443 -6.22 -3.92 30.67
N LEU A 444 -6.22 -5.16 30.19
CA LEU A 444 -7.41 -5.99 30.16
C LEU A 444 -7.76 -6.62 31.50
N GLY A 445 -6.84 -6.54 32.47
CA GLY A 445 -7.04 -7.14 33.78
C GLY A 445 -7.02 -8.66 33.73
N LEU A 446 -6.26 -9.22 32.80
CA LEU A 446 -6.16 -10.66 32.63
C LEU A 446 -5.00 -11.21 33.47
N MET B 1 -5.81 23.83 11.84
CA MET B 1 -6.47 22.77 10.99
C MET B 1 -7.99 23.02 10.91
N LEU B 2 -8.59 22.68 9.77
CA LEU B 2 -9.99 22.96 9.52
C LEU B 2 -10.88 22.11 10.43
N ASP B 3 -11.84 22.74 11.11
CA ASP B 3 -12.69 21.98 12.04
C ASP B 3 -13.58 20.96 11.33
N LYS B 4 -14.17 21.39 10.21
CA LYS B 4 -15.22 20.64 9.53
C LYS B 4 -15.33 21.08 8.08
N ILE B 5 -15.38 20.12 7.17
CA ILE B 5 -15.49 20.44 5.74
C ILE B 5 -16.64 19.70 5.06
N VAL B 6 -17.18 20.31 4.01
CA VAL B 6 -18.08 19.66 3.09
C VAL B 6 -17.26 19.05 1.95
N ILE B 7 -17.52 17.78 1.66
CA ILE B 7 -16.93 17.07 0.53
C ILE B 7 -17.94 17.19 -0.62
N ALA B 8 -17.70 18.16 -1.50
CA ALA B 8 -18.63 18.47 -2.59
C ALA B 8 -18.33 17.59 -3.79
N ASN B 9 -18.47 16.28 -3.60
CA ASN B 9 -18.19 15.30 -4.64
C ASN B 9 -18.79 13.95 -4.23
N ARG B 10 -18.43 12.90 -4.94
CA ARG B 10 -19.00 11.58 -4.74
C ARG B 10 -17.97 10.51 -5.11
N GLY B 11 -18.37 9.25 -4.99
CA GLY B 11 -17.56 8.14 -5.48
C GLY B 11 -16.19 8.01 -4.82
N GLU B 12 -15.21 7.57 -5.60
CA GLU B 12 -13.90 7.25 -5.05
C GLU B 12 -13.20 8.50 -4.51
N ILE B 13 -13.32 9.63 -5.19
CA ILE B 13 -12.60 10.84 -4.73
C ILE B 13 -13.17 11.34 -3.40
N ALA B 14 -14.48 11.22 -3.21
CA ALA B 14 -15.10 11.64 -1.98
C ALA B 14 -14.59 10.78 -0.81
N LEU B 15 -14.44 9.49 -1.06
CA LEU B 15 -13.88 8.58 -0.04
C LEU B 15 -12.41 8.91 0.25
N ARG B 16 -11.65 9.18 -0.80
CA ARG B 16 -10.25 9.58 -0.69
C ARG B 16 -10.09 10.81 0.22
N ILE B 17 -10.93 11.81 -0.01
CA ILE B 17 -10.93 13.04 0.79
C ILE B 17 -11.37 12.76 2.24
N LEU B 18 -12.41 11.95 2.41
CA LEU B 18 -12.88 11.58 3.75
C LEU B 18 -11.77 10.94 4.59
N ARG B 19 -11.03 10.01 4.00
CA ARG B 19 -9.91 9.34 4.69
C ARG B 19 -8.84 10.33 5.15
N ALA B 20 -8.45 11.24 4.26
CA ALA B 20 -7.51 12.32 4.61
C ALA B 20 -8.04 13.17 5.78
N CYS B 21 -9.31 13.56 5.70
CA CYS B 21 -9.95 14.35 6.78
C CYS B 21 -9.88 13.62 8.12
N LYS B 22 -10.26 12.35 8.10
CA LYS B 22 -10.26 11.54 9.32
C LYS B 22 -8.88 11.43 9.93
N GLU B 23 -7.86 11.22 9.10
CA GLU B 23 -6.48 11.17 9.56
C GLU B 23 -6.06 12.46 10.27
N LEU B 24 -6.54 13.60 9.78
CA LEU B 24 -6.21 14.91 10.31
C LEU B 24 -7.15 15.39 11.42
N GLY B 25 -8.14 14.58 11.77
CA GLY B 25 -9.12 14.96 12.80
C GLY B 25 -10.12 16.02 12.35
N ILE B 26 -10.33 16.12 11.03
CA ILE B 26 -11.25 17.07 10.42
C ILE B 26 -12.63 16.42 10.30
N LYS B 27 -13.66 17.08 10.82
CA LYS B 27 -15.03 16.53 10.76
C LYS B 27 -15.51 16.58 9.32
N THR B 28 -16.30 15.60 8.93
CA THR B 28 -16.76 15.51 7.54
C THR B 28 -18.28 15.69 7.38
N VAL B 29 -18.64 16.43 6.33
CA VAL B 29 -20.02 16.55 5.91
C VAL B 29 -20.13 16.01 4.48
N ALA B 30 -20.83 14.89 4.33
CA ALA B 30 -21.06 14.32 3.01
C ALA B 30 -22.38 14.82 2.45
N VAL B 31 -22.30 15.67 1.42
CA VAL B 31 -23.48 16.07 0.65
C VAL B 31 -23.64 15.07 -0.46
N HIS B 32 -24.88 14.63 -0.69
CA HIS B 32 -25.13 13.60 -1.69
C HIS B 32 -26.49 13.76 -2.34
N SER B 33 -26.61 13.22 -3.54
CA SER B 33 -27.91 13.13 -4.21
C SER B 33 -28.70 11.98 -3.59
N SER B 34 -29.99 11.94 -3.88
CA SER B 34 -30.85 10.89 -3.38
C SER B 34 -30.44 9.50 -3.89
N ALA B 35 -29.82 9.44 -5.06
CA ALA B 35 -29.29 8.16 -5.59
C ALA B 35 -28.01 7.64 -4.93
N ASP B 36 -27.37 8.50 -4.12
CA ASP B 36 -26.04 8.23 -3.53
C ASP B 36 -26.06 8.09 -2.00
N ARG B 37 -27.25 7.82 -1.46
CA ARG B 37 -27.42 7.65 -0.02
C ARG B 37 -26.56 6.50 0.54
N ASP B 38 -26.29 5.49 -0.27
CA ASP B 38 -25.51 4.33 0.19
C ASP B 38 -24.06 4.31 -0.28
N LEU B 39 -23.54 5.46 -0.71
CA LEU B 39 -22.12 5.57 -1.04
C LEU B 39 -21.28 5.27 0.21
N LYS B 40 -20.17 4.55 0.04
CA LYS B 40 -19.29 4.22 1.14
C LYS B 40 -18.91 5.46 1.99
N HIS B 41 -18.50 6.56 1.35
CA HIS B 41 -18.08 7.72 2.15
C HIS B 41 -19.24 8.39 2.90
N VAL B 42 -20.45 8.35 2.33
CA VAL B 42 -21.66 8.88 2.99
C VAL B 42 -21.90 8.09 4.28
N LEU B 43 -21.84 6.76 4.18
CA LEU B 43 -22.03 5.89 5.33
C LEU B 43 -20.95 6.06 6.41
N LEU B 44 -19.76 6.56 6.04
CA LEU B 44 -18.66 6.78 6.99
C LEU B 44 -18.58 8.20 7.51
N ALA B 45 -19.23 9.15 6.84
CA ALA B 45 -19.11 10.56 7.20
C ALA B 45 -19.74 10.89 8.56
N ASP B 46 -19.25 11.95 9.18
CA ASP B 46 -19.77 12.37 10.48
C ASP B 46 -21.20 12.91 10.38
N GLU B 47 -21.45 13.69 9.34
CA GLU B 47 -22.77 14.25 9.03
C GLU B 47 -23.07 14.07 7.55
N THR B 48 -24.35 13.93 7.23
CA THR B 48 -24.80 13.81 5.83
C THR B 48 -25.96 14.78 5.53
N VAL B 49 -26.00 15.28 4.31
CA VAL B 49 -27.07 16.16 3.84
C VAL B 49 -27.45 15.74 2.43
N CYS B 50 -28.72 15.44 2.20
CA CYS B 50 -29.20 15.17 0.85
C CYS B 50 -29.43 16.51 0.14
N ILE B 51 -28.72 16.73 -0.96
CA ILE B 51 -28.73 18.03 -1.63
C ILE B 51 -29.59 18.05 -2.90
N GLY B 52 -30.27 16.94 -3.18
CA GLY B 52 -31.26 16.92 -4.26
C GLY B 52 -31.37 15.59 -4.96
N PRO B 53 -32.25 15.54 -5.98
CA PRO B 53 -32.42 14.31 -6.77
C PRO B 53 -31.19 13.93 -7.61
N ALA B 54 -31.27 12.74 -8.21
CA ALA B 54 -30.11 12.10 -8.83
C ALA B 54 -29.32 12.93 -9.87
N PRO B 55 -30.00 13.59 -10.82
CA PRO B 55 -29.22 14.25 -11.87
C PRO B 55 -28.26 15.30 -11.30
N SER B 56 -27.04 15.32 -11.82
CA SER B 56 -26.00 16.18 -11.24
C SER B 56 -26.40 17.65 -11.23
N VAL B 57 -27.12 18.11 -12.25
CA VAL B 57 -27.63 19.50 -12.30
C VAL B 57 -28.47 19.88 -11.08
N LYS B 58 -29.19 18.90 -10.53
CA LYS B 58 -30.06 19.09 -9.37
C LYS B 58 -29.36 18.90 -8.03
N SER B 59 -28.14 18.37 -8.06
CA SER B 59 -27.45 17.95 -6.85
C SER B 59 -26.01 18.46 -6.84
N TYR B 60 -25.07 17.70 -7.40
CA TYR B 60 -23.62 17.97 -7.28
C TYR B 60 -23.17 19.26 -7.98
N LEU B 61 -23.97 19.74 -8.92
CA LEU B 61 -23.73 21.03 -9.60
C LEU B 61 -24.63 22.16 -9.09
N ASN B 62 -25.40 21.89 -8.04
CA ASN B 62 -26.39 22.83 -7.48
C ASN B 62 -25.68 23.69 -6.42
N ILE B 63 -25.17 24.84 -6.85
CA ILE B 63 -24.38 25.69 -5.97
C ILE B 63 -25.14 26.12 -4.70
N PRO B 64 -26.38 26.66 -4.83
CA PRO B 64 -27.15 27.02 -3.63
C PRO B 64 -27.36 25.88 -2.61
N ALA B 65 -27.64 24.67 -3.10
CA ALA B 65 -27.82 23.50 -2.23
C ALA B 65 -26.55 23.16 -1.46
N ILE B 66 -25.41 23.20 -2.15
CA ILE B 66 -24.12 22.87 -1.54
C ILE B 66 -23.76 23.91 -0.48
N ILE B 67 -23.90 25.19 -0.83
CA ILE B 67 -23.60 26.27 0.12
C ILE B 67 -24.53 26.19 1.32
N SER B 68 -25.81 25.95 1.07
CA SER B 68 -26.80 25.76 2.15
C SER B 68 -26.40 24.64 3.12
N ALA B 69 -26.04 23.47 2.59
CA ALA B 69 -25.55 22.36 3.41
C ALA B 69 -24.37 22.76 4.27
N ALA B 70 -23.42 23.49 3.66
CA ALA B 70 -22.21 23.94 4.36
C ALA B 70 -22.56 24.89 5.49
N GLU B 71 -23.53 25.77 5.24
CA GLU B 71 -24.00 26.73 6.24
C GLU B 71 -24.70 26.05 7.43
N ILE B 72 -25.66 25.19 7.14
CA ILE B 72 -26.49 24.55 8.17
C ILE B 72 -25.68 23.63 9.08
N THR B 73 -24.68 22.95 8.53
CA THR B 73 -23.81 22.06 9.31
C THR B 73 -22.66 22.77 10.04
N GLY B 74 -22.46 24.06 9.78
CA GLY B 74 -21.38 24.80 10.43
C GLY B 74 -19.98 24.48 9.94
N ALA B 75 -19.87 24.00 8.70
CA ALA B 75 -18.59 23.72 8.08
C ALA B 75 -17.82 25.02 7.83
N VAL B 76 -16.50 24.92 7.70
CA VAL B 76 -15.66 26.10 7.42
C VAL B 76 -14.99 26.08 6.04
N ALA B 77 -15.08 24.95 5.34
CA ALA B 77 -14.44 24.81 4.05
C ALA B 77 -15.17 23.78 3.20
N ILE B 78 -14.94 23.88 1.89
CA ILE B 78 -15.53 22.97 0.92
C ILE B 78 -14.43 22.43 -0.01
N HIS B 79 -14.37 21.11 -0.15
CA HIS B 79 -13.44 20.45 -1.07
C HIS B 79 -14.23 20.01 -2.30
N PRO B 80 -13.90 20.56 -3.47
CA PRO B 80 -14.67 20.24 -4.68
C PRO B 80 -14.24 18.97 -5.40
N GLY B 81 -13.18 18.31 -4.92
CA GLY B 81 -12.60 17.15 -5.62
C GLY B 81 -12.17 17.47 -7.04
N TYR B 82 -12.49 16.55 -7.96
CA TYR B 82 -12.26 16.78 -9.39
C TYR B 82 -13.60 16.67 -10.14
N GLY B 83 -13.64 17.20 -11.35
CA GLY B 83 -14.89 17.31 -12.09
C GLY B 83 -15.86 18.21 -11.37
N PHE B 84 -17.16 18.00 -11.64
CA PHE B 84 -18.25 18.81 -11.07
C PHE B 84 -17.93 20.31 -11.04
N LEU B 85 -17.78 20.90 -9.86
CA LEU B 85 -17.58 22.35 -9.72
C LEU B 85 -16.14 22.75 -9.43
N SER B 86 -15.20 21.80 -9.51
CA SER B 86 -13.81 22.04 -9.10
C SER B 86 -13.08 23.11 -9.95
N GLU B 87 -13.46 23.25 -11.21
CA GLU B 87 -12.90 24.31 -12.05
C GLU B 87 -13.93 25.36 -12.45
N ASN B 88 -14.98 25.49 -11.62
CA ASN B 88 -16.00 26.51 -11.79
C ASN B 88 -15.58 27.72 -10.96
N ALA B 89 -15.05 28.73 -11.64
CA ALA B 89 -14.54 29.92 -10.97
C ALA B 89 -15.63 30.67 -10.18
N ASN B 90 -16.84 30.74 -10.75
CA ASN B 90 -17.97 31.38 -10.06
C ASN B 90 -18.30 30.67 -8.75
N PHE B 91 -18.23 29.35 -8.75
CA PHE B 91 -18.41 28.57 -7.52
C PHE B 91 -17.34 28.91 -6.48
N ALA B 92 -16.07 28.86 -6.89
CA ALA B 92 -14.95 29.21 -5.99
C ALA B 92 -15.18 30.61 -5.39
N GLU B 93 -15.54 31.55 -6.23
CA GLU B 93 -15.81 32.91 -5.79
C GLU B 93 -16.94 32.98 -4.78
N GLN B 94 -18.04 32.29 -5.06
CA GLN B 94 -19.19 32.30 -4.15
C GLN B 94 -18.88 31.61 -2.82
N VAL B 95 -18.09 30.53 -2.86
CA VAL B 95 -17.73 29.84 -1.62
C VAL B 95 -17.03 30.81 -0.68
N GLU B 96 -16.09 31.56 -1.23
CA GLU B 96 -15.34 32.55 -0.46
C GLU B 96 -16.23 33.73 -0.05
N ARG B 97 -17.10 34.19 -0.95
CA ARG B 97 -18.05 35.28 -0.63
C ARG B 97 -19.00 34.92 0.51
N SER B 98 -19.40 33.65 0.55
CA SER B 98 -20.27 33.13 1.60
C SER B 98 -19.52 32.87 2.92
N GLY B 99 -18.21 33.10 2.93
CA GLY B 99 -17.40 33.08 4.14
C GLY B 99 -16.68 31.76 4.41
N PHE B 100 -16.63 30.89 3.41
CA PHE B 100 -15.96 29.58 3.53
C PHE B 100 -14.57 29.59 2.88
N ILE B 101 -13.70 28.70 3.33
CA ILE B 101 -12.44 28.43 2.64
C ILE B 101 -12.75 27.50 1.48
N PHE B 102 -12.31 27.89 0.29
CA PHE B 102 -12.36 27.01 -0.89
C PHE B 102 -11.05 26.23 -0.99
N ILE B 103 -11.15 24.90 -0.98
CA ILE B 103 -9.97 24.05 -1.06
C ILE B 103 -9.55 23.92 -2.53
N GLY B 104 -8.82 24.93 -2.97
CA GLY B 104 -8.39 25.07 -4.34
C GLY B 104 -7.77 26.45 -4.53
N PRO B 105 -7.50 26.83 -5.77
CA PRO B 105 -6.90 28.14 -6.03
C PRO B 105 -7.88 29.27 -5.87
N LYS B 106 -7.37 30.50 -5.99
CA LYS B 106 -8.20 31.68 -6.07
C LYS B 106 -9.06 31.63 -7.33
N ALA B 107 -10.28 32.16 -7.25
CA ALA B 107 -11.20 32.17 -8.38
C ALA B 107 -10.60 32.79 -9.64
N GLU B 108 -9.89 33.90 -9.51
CA GLU B 108 -9.30 34.56 -10.66
C GLU B 108 -8.21 33.69 -11.34
N THR B 109 -7.56 32.84 -10.55
CA THR B 109 -6.58 31.90 -11.06
C THR B 109 -7.27 30.78 -11.85
N ILE B 110 -8.42 30.33 -11.36
CA ILE B 110 -9.24 29.37 -12.11
C ILE B 110 -9.66 29.93 -13.47
N ARG B 111 -10.15 31.17 -13.52
CA ARG B 111 -10.51 31.73 -14.82
C ARG B 111 -9.30 31.97 -15.73
N LEU B 112 -8.19 32.40 -15.15
CA LEU B 112 -6.96 32.62 -15.92
C LEU B 112 -6.54 31.35 -16.65
N MET B 113 -6.44 30.25 -15.91
CA MET B 113 -5.95 28.99 -16.46
C MET B 113 -7.09 28.17 -17.10
N GLY B 114 -8.33 28.60 -16.87
CA GLY B 114 -9.50 27.94 -17.44
C GLY B 114 -9.72 28.33 -18.89
N ASP B 115 -9.34 29.55 -19.25
CA ASP B 115 -9.35 29.98 -20.64
C ASP B 115 -7.98 29.68 -21.25
N LYS B 116 -7.97 28.86 -22.30
CA LYS B 116 -6.71 28.34 -22.83
C LYS B 116 -5.81 29.42 -23.43
N VAL B 117 -6.38 30.42 -24.09
CA VAL B 117 -5.60 31.53 -24.65
C VAL B 117 -4.86 32.32 -23.56
N SER B 118 -5.59 32.71 -22.53
CA SER B 118 -4.97 33.46 -21.43
C SER B 118 -4.00 32.59 -20.63
N ALA B 119 -4.32 31.30 -20.49
CA ALA B 119 -3.45 30.35 -19.81
C ALA B 119 -2.11 30.24 -20.52
N ILE B 120 -2.15 30.02 -21.83
CA ILE B 120 -0.95 29.92 -22.64
C ILE B 120 -0.13 31.21 -22.55
N ALA B 121 -0.80 32.35 -22.69
CA ALA B 121 -0.12 33.64 -22.59
C ALA B 121 0.62 33.77 -21.26
N ALA B 122 -0.05 33.38 -20.17
CA ALA B 122 0.54 33.41 -18.84
C ALA B 122 1.76 32.48 -18.73
N MET B 123 1.65 31.28 -19.33
CA MET B 123 2.72 30.31 -19.28
C MET B 123 3.92 30.76 -20.10
N LYS B 124 3.68 31.28 -21.30
CA LYS B 124 4.73 31.79 -22.15
C LYS B 124 5.51 32.90 -21.43
N LYS B 125 4.77 33.84 -20.83
CA LYS B 125 5.36 34.93 -20.07
C LYS B 125 6.24 34.42 -18.91
N ALA B 126 5.78 33.38 -18.22
CA ALA B 126 6.48 32.82 -17.07
C ALA B 126 7.72 31.99 -17.44
N GLY B 127 7.84 31.62 -18.71
CA GLY B 127 8.99 30.86 -19.19
C GLY B 127 8.74 29.37 -19.34
N VAL B 128 7.47 28.97 -19.28
CA VAL B 128 7.08 27.59 -19.52
C VAL B 128 6.95 27.40 -21.04
N PRO B 129 7.59 26.35 -21.60
CA PRO B 129 7.54 26.17 -23.04
C PRO B 129 6.14 25.75 -23.50
N CYS B 130 5.69 26.36 -24.59
CA CYS B 130 4.36 26.12 -25.14
C CYS B 130 4.46 25.63 -26.57
N VAL B 131 3.35 25.13 -27.11
CA VAL B 131 3.31 24.67 -28.50
C VAL B 131 3.39 25.89 -29.42
N PRO B 132 4.33 25.89 -30.38
CA PRO B 132 4.32 26.99 -31.34
C PRO B 132 2.91 27.22 -31.87
N GLY B 133 2.45 28.47 -31.85
CA GLY B 133 1.08 28.78 -32.22
C GLY B 133 0.80 30.26 -32.46
N SER B 134 -0.49 30.59 -32.53
CA SER B 134 -0.93 31.95 -32.84
C SER B 134 -0.62 32.97 -31.74
N ASP B 135 -0.44 32.52 -30.51
CA ASP B 135 -0.22 33.41 -29.37
C ASP B 135 -1.29 34.49 -29.34
N GLY B 136 -2.54 34.03 -29.31
CA GLY B 136 -3.71 34.91 -29.34
C GLY B 136 -4.84 34.25 -30.11
N PRO B 137 -6.04 34.82 -30.02
CA PRO B 137 -7.19 34.25 -30.72
C PRO B 137 -7.13 34.50 -32.22
N LEU B 138 -7.78 33.63 -32.99
CA LEU B 138 -7.85 33.78 -34.45
C LEU B 138 -8.95 34.75 -34.84
N GLY B 139 -8.63 35.66 -35.74
CA GLY B 139 -9.61 36.61 -36.27
C GLY B 139 -10.25 36.09 -37.54
N ASP B 140 -10.97 36.96 -38.25
CA ASP B 140 -11.67 36.60 -39.47
C ASP B 140 -10.85 36.87 -40.73
N ASP B 141 -9.68 37.49 -40.57
CA ASP B 141 -8.78 37.75 -41.70
C ASP B 141 -8.08 36.45 -42.13
N MET B 142 -8.31 36.05 -43.38
CA MET B 142 -7.74 34.81 -43.93
C MET B 142 -6.24 34.95 -44.21
N ASP B 143 -5.81 36.11 -44.68
CA ASP B 143 -4.40 36.36 -44.99
C ASP B 143 -3.50 36.19 -43.77
N LYS B 144 -3.95 36.69 -42.62
CA LYS B 144 -3.22 36.55 -41.37
C LYS B 144 -3.26 35.12 -40.83
N ASN B 145 -4.45 34.52 -40.84
CA ASN B 145 -4.61 33.13 -40.40
C ASN B 145 -3.77 32.15 -41.23
N ARG B 146 -3.68 32.41 -42.53
CA ARG B 146 -2.88 31.60 -43.43
C ARG B 146 -1.39 31.83 -43.19
N ALA B 147 -1.02 33.06 -42.84
CA ALA B 147 0.37 33.42 -42.54
C ALA B 147 0.85 32.79 -41.22
N ILE B 148 -0.05 32.72 -40.25
CA ILE B 148 0.26 32.08 -38.96
C ILE B 148 0.55 30.59 -39.18
N ALA B 149 -0.30 29.92 -39.95
CA ALA B 149 -0.11 28.51 -40.29
C ALA B 149 1.21 28.26 -41.03
N LYS B 150 1.56 29.19 -41.93
CA LYS B 150 2.83 29.12 -42.66
C LYS B 150 4.05 29.37 -41.77
N ARG B 151 3.92 30.30 -40.82
CA ARG B 151 4.97 30.58 -39.85
C ARG B 151 5.19 29.38 -38.94
N ILE B 152 4.09 28.84 -38.42
CA ILE B 152 4.13 27.66 -37.55
C ILE B 152 4.59 26.43 -38.33
N GLY B 153 4.01 26.25 -39.52
CA GLY B 153 4.32 25.10 -40.36
C GLY B 153 3.28 24.01 -40.20
N TYR B 154 2.74 23.53 -41.31
CA TYR B 154 1.73 22.47 -41.29
C TYR B 154 2.36 21.13 -40.88
N PRO B 155 1.56 20.23 -40.28
CA PRO B 155 0.15 20.38 -39.95
C PRO B 155 -0.07 21.21 -38.69
N VAL B 156 -1.22 21.89 -38.61
CA VAL B 156 -1.60 22.67 -37.44
C VAL B 156 -2.91 22.14 -36.86
N ILE B 157 -3.29 22.65 -35.69
CA ILE B 157 -4.55 22.27 -35.06
C ILE B 157 -5.29 23.50 -34.53
N ILE B 158 -6.60 23.51 -34.73
CA ILE B 158 -7.46 24.59 -34.26
C ILE B 158 -8.12 24.12 -32.97
N LYS B 159 -8.05 24.93 -31.92
CA LYS B 159 -8.60 24.57 -30.60
C LYS B 159 -9.54 25.64 -30.07
N ALA B 160 -10.55 25.21 -29.31
CA ALA B 160 -11.48 26.13 -28.63
C ALA B 160 -10.85 26.65 -27.34
N SER B 161 -10.87 27.97 -27.17
CA SER B 161 -10.32 28.61 -25.98
C SER B 161 -11.13 28.28 -24.72
N GLY B 162 -12.45 28.20 -24.87
CA GLY B 162 -13.36 27.87 -23.76
C GLY B 162 -13.60 26.38 -23.57
N GLY B 163 -12.96 25.55 -24.39
CA GLY B 163 -13.13 24.10 -24.33
C GLY B 163 -12.11 23.40 -23.43
N GLY B 164 -11.93 22.10 -23.65
CA GLY B 164 -10.98 21.31 -22.90
C GLY B 164 -11.07 19.83 -23.20
N GLY B 165 -10.00 19.27 -23.79
CA GLY B 165 -9.91 17.83 -24.04
C GLY B 165 -10.01 17.45 -25.51
N GLY B 166 -11.23 17.26 -25.99
CA GLY B 166 -11.47 16.77 -27.36
C GLY B 166 -12.42 17.62 -28.20
N ARG B 167 -13.48 18.14 -27.58
CA ARG B 167 -14.45 18.97 -28.30
C ARG B 167 -13.84 20.27 -28.79
N GLY B 168 -14.31 20.73 -29.95
CA GLY B 168 -13.84 21.98 -30.54
C GLY B 168 -12.38 21.91 -30.98
N MET B 169 -12.03 20.84 -31.68
CA MET B 169 -10.65 20.63 -32.15
C MET B 169 -10.62 20.01 -33.54
N ARG B 170 -9.79 20.58 -34.41
CA ARG B 170 -9.65 20.09 -35.80
C ARG B 170 -8.23 20.26 -36.33
N VAL B 171 -7.67 19.18 -36.84
CA VAL B 171 -6.34 19.19 -37.43
C VAL B 171 -6.44 19.66 -38.89
N VAL B 172 -5.56 20.58 -39.26
CA VAL B 172 -5.51 21.14 -40.62
C VAL B 172 -4.15 20.82 -41.23
N ARG B 173 -4.16 20.23 -42.42
CA ARG B 173 -2.93 19.78 -43.08
C ARG B 173 -2.61 20.57 -44.37
N GLY B 174 -3.45 21.55 -44.71
CA GLY B 174 -3.22 22.40 -45.88
C GLY B 174 -4.04 23.67 -45.86
N ASP B 175 -3.66 24.63 -46.70
CA ASP B 175 -4.35 25.92 -46.79
C ASP B 175 -5.80 25.79 -47.30
N ALA B 176 -6.07 24.77 -48.10
CA ALA B 176 -7.40 24.54 -48.66
C ALA B 176 -8.42 24.14 -47.59
N GLU B 177 -7.95 23.40 -46.57
CA GLU B 177 -8.83 22.91 -45.50
C GLU B 177 -8.92 23.90 -44.32
N LEU B 178 -8.09 24.94 -44.33
CA LEU B 178 -8.00 25.87 -43.21
C LEU B 178 -9.28 26.67 -42.96
N ALA B 179 -9.87 27.19 -44.04
CA ALA B 179 -11.04 28.07 -43.95
C ALA B 179 -12.22 27.42 -43.23
N GLN B 180 -12.64 26.25 -43.72
CA GLN B 180 -13.81 25.56 -43.16
C GLN B 180 -13.55 25.00 -41.77
N SER B 181 -12.30 24.64 -41.47
CA SER B 181 -11.93 24.10 -40.17
C SER B 181 -12.07 25.12 -39.05
N ILE B 182 -11.65 26.36 -39.30
CA ILE B 182 -11.75 27.43 -38.32
C ILE B 182 -13.20 27.79 -38.03
N SER B 183 -14.02 27.85 -39.07
CA SER B 183 -15.44 28.19 -38.95
C SER B 183 -16.24 27.11 -38.22
N MET B 184 -15.98 25.85 -38.55
CA MET B 184 -16.66 24.72 -37.88
C MET B 184 -16.25 24.60 -36.42
N THR B 185 -14.95 24.76 -36.15
CA THR B 185 -14.44 24.74 -34.78
C THR B 185 -14.99 25.92 -33.97
N ARG B 186 -15.10 27.07 -34.61
CA ARG B 186 -15.68 28.26 -34.00
C ARG B 186 -17.17 28.06 -33.66
N ALA B 187 -17.90 27.46 -34.59
CA ALA B 187 -19.34 27.27 -34.44
C ALA B 187 -19.69 26.25 -33.34
N GLU B 188 -18.95 25.15 -33.30
CA GLU B 188 -19.16 24.11 -32.30
C GLU B 188 -18.71 24.52 -30.89
N ALA B 189 -17.75 25.45 -30.83
CA ALA B 189 -17.30 26.02 -29.55
C ALA B 189 -18.38 26.93 -28.95
N LYS B 190 -19.00 27.75 -29.80
CA LYS B 190 -20.08 28.64 -29.37
C LYS B 190 -21.31 27.85 -28.92
N ALA B 191 -21.66 26.82 -29.69
CA ALA B 191 -22.80 25.96 -29.37
C ALA B 191 -22.61 25.16 -28.08
N ALA B 192 -21.35 24.85 -27.75
CA ALA B 192 -21.03 24.02 -26.58
C ALA B 192 -20.71 24.85 -25.34
N PHE B 193 -19.83 25.84 -25.49
CA PHE B 193 -19.29 26.59 -24.34
C PHE B 193 -19.73 28.06 -24.29
N SER B 194 -20.64 28.47 -25.19
CA SER B 194 -21.09 29.86 -25.29
C SER B 194 -19.95 30.83 -25.62
N ASN B 195 -18.85 30.29 -26.16
CA ASN B 195 -17.64 31.05 -26.43
C ASN B 195 -17.06 30.58 -27.76
N ASP B 196 -17.04 31.48 -28.75
CA ASP B 196 -16.61 31.12 -30.10
C ASP B 196 -15.11 31.30 -30.34
N MET B 197 -14.36 31.68 -29.30
CA MET B 197 -12.94 31.96 -29.45
C MET B 197 -12.14 30.70 -29.74
N VAL B 198 -11.26 30.79 -30.73
CA VAL B 198 -10.38 29.69 -31.09
C VAL B 198 -8.95 30.19 -31.28
N TYR B 199 -8.00 29.26 -31.18
CA TYR B 199 -6.60 29.56 -31.40
C TYR B 199 -5.95 28.44 -32.23
N MET B 200 -4.71 28.66 -32.65
CA MET B 200 -3.99 27.71 -33.48
C MET B 200 -2.65 27.37 -32.83
N GLU B 201 -2.31 26.08 -32.85
CA GLU B 201 -0.95 25.64 -32.54
C GLU B 201 -0.49 24.60 -33.57
N LYS B 202 0.82 24.38 -33.62
CA LYS B 202 1.40 23.31 -34.42
C LYS B 202 0.84 21.99 -33.95
N TYR B 203 0.53 21.09 -34.89
CA TYR B 203 0.02 19.78 -34.54
C TYR B 203 1.18 18.79 -34.43
N LEU B 204 1.39 18.25 -33.24
CA LEU B 204 2.41 17.25 -33.02
C LEU B 204 1.82 15.89 -33.35
N GLU B 205 2.49 15.14 -34.22
CA GLU B 205 1.91 13.91 -34.78
C GLU B 205 1.82 12.77 -33.77
N ASN B 206 2.91 12.52 -33.05
CA ASN B 206 2.98 11.39 -32.13
C ASN B 206 3.65 11.74 -30.78
N PRO B 207 3.04 12.68 -30.05
CA PRO B 207 3.53 13.05 -28.73
C PRO B 207 3.09 12.09 -27.62
N ARG B 208 3.76 12.17 -26.49
CA ARG B 208 3.31 11.55 -25.25
C ARG B 208 2.65 12.62 -24.38
N HIS B 209 1.76 12.20 -23.50
CA HIS B 209 1.17 13.08 -22.50
C HIS B 209 2.00 12.93 -21.23
N VAL B 210 2.72 13.99 -20.87
CA VAL B 210 3.47 14.02 -19.62
C VAL B 210 3.07 15.26 -18.83
N GLU B 211 2.74 15.05 -17.56
CA GLU B 211 2.23 16.15 -16.73
C GLU B 211 2.99 16.26 -15.41
N ILE B 212 3.14 17.49 -14.95
CA ILE B 212 3.89 17.79 -13.74
C ILE B 212 2.95 18.16 -12.60
N GLN B 213 3.05 17.44 -11.48
CA GLN B 213 2.31 17.79 -10.26
C GLN B 213 3.03 18.91 -9.51
N VAL B 214 2.26 19.91 -9.08
CA VAL B 214 2.78 20.95 -8.19
C VAL B 214 1.94 21.09 -6.92
N LEU B 215 2.56 21.68 -5.92
CA LEU B 215 1.89 22.15 -4.72
C LEU B 215 2.42 23.56 -4.46
N ALA B 216 1.50 24.47 -4.18
CA ALA B 216 1.85 25.84 -3.87
C ALA B 216 0.98 26.32 -2.71
N ASP B 217 1.56 27.06 -1.79
CA ASP B 217 0.81 27.50 -0.60
C ASP B 217 0.08 28.83 -0.78
N GLY B 218 0.34 29.50 -1.91
CA GLY B 218 -0.23 30.83 -2.17
C GLY B 218 0.46 31.89 -1.33
N GLN B 219 1.58 31.51 -0.71
CA GLN B 219 2.34 32.39 0.17
C GLN B 219 3.75 32.60 -0.38
N GLY B 220 3.95 32.25 -1.65
CA GLY B 220 5.23 32.42 -2.32
C GLY B 220 6.05 31.15 -2.48
N ASN B 221 5.60 30.06 -1.87
CA ASN B 221 6.31 28.80 -1.96
C ASN B 221 5.61 27.85 -2.94
N ALA B 222 6.40 27.17 -3.78
CA ALA B 222 5.86 26.21 -4.73
C ALA B 222 6.89 25.12 -5.02
N ILE B 223 6.43 23.87 -5.02
CA ILE B 223 7.28 22.72 -5.32
C ILE B 223 6.66 21.87 -6.42
N TYR B 224 7.51 21.11 -7.10
CA TYR B 224 7.05 20.14 -8.08
C TYR B 224 7.32 18.73 -7.55
N LEU B 225 6.39 17.82 -7.83
CA LEU B 225 6.47 16.45 -7.36
C LEU B 225 6.54 15.51 -8.56
N ALA B 226 7.61 15.69 -9.34
CA ALA B 226 7.89 14.86 -10.51
C ALA B 226 6.73 14.85 -11.51
N GLU B 227 6.70 13.84 -12.38
CA GLU B 227 5.79 13.80 -13.51
C GLU B 227 5.00 12.49 -13.58
N ARG B 228 3.97 12.50 -14.42
CA ARG B 228 3.20 11.32 -14.73
C ARG B 228 3.02 11.22 -16.24
N ASP B 229 3.12 10.01 -16.77
CA ASP B 229 2.79 9.75 -18.17
C ASP B 229 1.36 9.21 -18.22
N CYS B 230 0.52 9.83 -19.03
CA CYS B 230 -0.89 9.43 -19.17
C CYS B 230 -1.28 9.32 -20.65
N SER B 231 -0.36 8.76 -21.43
CA SER B 231 -0.51 8.65 -22.89
C SER B 231 -1.56 7.61 -23.32
N MET B 232 -1.82 6.63 -22.45
CA MET B 232 -2.79 5.58 -22.75
C MET B 232 -4.21 6.14 -22.61
N GLN B 233 -4.83 6.41 -23.75
CA GLN B 233 -6.10 7.15 -23.80
C GLN B 233 -7.11 6.55 -24.78
N ARG B 234 -8.38 6.84 -24.55
CA ARG B 234 -9.44 6.54 -25.50
C ARG B 234 -10.40 7.72 -25.51
N ARG B 235 -10.66 8.27 -26.70
CA ARG B 235 -11.43 9.51 -26.84
C ARG B 235 -10.93 10.60 -25.88
N HIS B 236 -9.60 10.74 -25.83
CA HIS B 236 -8.91 11.75 -25.01
C HIS B 236 -9.09 11.57 -23.50
N GLN B 237 -9.60 10.42 -23.09
CA GLN B 237 -9.74 10.11 -21.66
C GLN B 237 -8.64 9.13 -21.27
N LYS B 238 -7.97 9.44 -20.17
CA LYS B 238 -6.85 8.63 -19.68
C LYS B 238 -7.38 7.29 -19.18
N VAL B 239 -6.64 6.22 -19.48
CA VAL B 239 -7.00 4.85 -19.09
C VAL B 239 -5.97 4.22 -18.11
N VAL B 240 -4.68 4.48 -18.36
CA VAL B 240 -3.58 4.09 -17.49
C VAL B 240 -2.69 5.31 -17.29
N GLU B 241 -2.21 5.49 -16.05
CA GLU B 241 -1.22 6.51 -15.75
C GLU B 241 -0.06 5.89 -14.97
N GLU B 242 1.13 6.47 -15.10
CA GLU B 242 2.29 5.99 -14.36
C GLU B 242 3.24 7.10 -13.98
N ALA B 243 4.05 6.85 -12.96
CA ALA B 243 5.03 7.80 -12.47
C ALA B 243 6.23 7.01 -11.96
N PRO B 244 7.48 7.49 -12.24
CA PRO B 244 7.77 8.60 -13.16
C PRO B 244 7.47 8.21 -14.62
N ALA B 245 7.63 9.14 -15.55
CA ALA B 245 7.45 8.86 -16.97
C ALA B 245 8.71 8.20 -17.53
N PRO B 246 8.58 7.03 -18.16
CA PRO B 246 9.76 6.35 -18.71
C PRO B 246 10.58 7.24 -19.64
N GLY B 247 11.90 7.15 -19.55
CA GLY B 247 12.77 7.92 -20.43
C GLY B 247 13.11 9.31 -19.94
N ILE B 248 12.33 9.84 -18.99
CA ILE B 248 12.59 11.18 -18.46
C ILE B 248 13.74 11.13 -17.46
N THR B 249 14.82 11.84 -17.79
CA THR B 249 16.00 11.88 -16.94
C THR B 249 15.80 12.85 -15.78
N PRO B 250 16.58 12.68 -14.70
CA PRO B 250 16.54 13.61 -13.57
C PRO B 250 16.80 15.08 -13.98
N GLU B 251 17.70 15.29 -14.93
CA GLU B 251 18.01 16.65 -15.40
C GLU B 251 16.84 17.26 -16.19
N LEU B 252 16.17 16.45 -16.99
CA LEU B 252 14.98 16.88 -17.73
C LEU B 252 13.80 17.12 -16.78
N ARG B 253 13.69 16.26 -15.76
CA ARG B 253 12.69 16.42 -14.69
C ARG B 253 12.82 17.75 -13.97
N ARG B 254 14.05 18.11 -13.60
CA ARG B 254 14.24 19.38 -12.88
C ARG B 254 14.10 20.58 -13.80
N TYR B 255 14.47 20.43 -15.07
CA TYR B 255 14.26 21.50 -16.05
C TYR B 255 12.80 21.94 -16.08
N ILE B 256 11.90 21.02 -16.42
CA ILE B 256 10.48 21.36 -16.57
C ILE B 256 9.82 21.63 -15.20
N GLY B 257 10.26 20.91 -14.16
CA GLY B 257 9.73 21.09 -12.81
C GLY B 257 9.97 22.47 -12.26
N GLU B 258 11.21 22.95 -12.38
CA GLU B 258 11.57 24.28 -11.92
C GLU B 258 10.78 25.37 -12.66
N ARG B 259 10.51 25.15 -13.95
CA ARG B 259 9.74 26.12 -14.72
C ARG B 259 8.28 26.15 -14.27
N CYS B 260 7.73 24.97 -13.96
CA CYS B 260 6.36 24.90 -13.44
C CYS B 260 6.24 25.54 -12.05
N ALA B 261 7.22 25.30 -11.19
CA ALA B 261 7.22 25.90 -9.84
C ALA B 261 7.31 27.42 -9.93
N LYS B 262 8.18 27.91 -10.81
CA LYS B 262 8.29 29.36 -11.07
C LYS B 262 6.95 29.91 -11.57
N ALA B 263 6.34 29.23 -12.53
CA ALA B 263 5.04 29.67 -13.05
C ALA B 263 3.99 29.80 -11.94
N CYS B 264 4.00 28.86 -11.00
CA CYS B 264 3.12 28.92 -9.82
C CYS B 264 3.28 30.21 -9.03
N VAL B 265 4.53 30.59 -8.79
CA VAL B 265 4.83 31.82 -8.07
C VAL B 265 4.31 33.02 -8.88
N ASP B 266 4.55 32.99 -10.19
CA ASP B 266 4.18 34.09 -11.07
C ASP B 266 2.67 34.33 -11.14
N ILE B 267 1.86 33.26 -11.11
CA ILE B 267 0.39 33.38 -11.21
C ILE B 267 -0.32 33.40 -9.84
N GLY B 268 0.46 33.33 -8.77
CA GLY B 268 -0.10 33.35 -7.41
C GLY B 268 -0.88 32.08 -7.07
N TYR B 269 -0.44 30.96 -7.64
CA TYR B 269 -1.19 29.70 -7.51
C TYR B 269 -1.26 29.23 -6.06
N ARG B 270 -2.40 28.65 -5.71
CA ARG B 270 -2.64 28.14 -4.37
C ARG B 270 -3.26 26.74 -4.44
N GLY B 271 -2.60 25.78 -3.80
CA GLY B 271 -3.12 24.41 -3.67
C GLY B 271 -2.40 23.43 -4.59
N ALA B 272 -3.03 22.29 -4.82
CA ALA B 272 -2.54 21.29 -5.76
C ALA B 272 -2.95 21.72 -7.17
N GLY B 273 -2.08 21.42 -8.12
CA GLY B 273 -2.36 21.67 -9.53
C GLY B 273 -1.47 20.81 -10.41
N THR B 274 -1.86 20.68 -11.68
CA THR B 274 -1.10 19.91 -12.66
C THR B 274 -0.92 20.70 -13.96
N PHE B 275 0.33 20.75 -14.44
CA PHE B 275 0.66 21.28 -15.76
C PHE B 275 0.78 20.13 -16.75
N GLU B 276 -0.09 20.12 -17.75
CA GLU B 276 -0.10 19.07 -18.76
C GLU B 276 0.69 19.50 -19.99
N PHE B 277 1.59 18.63 -20.43
CA PHE B 277 2.43 18.86 -21.60
C PHE B 277 2.26 17.76 -22.63
N LEU B 278 2.48 18.12 -23.89
CA LEU B 278 2.81 17.15 -24.91
C LEU B 278 4.33 17.04 -24.92
N PHE B 279 4.84 15.82 -25.02
CA PHE B 279 6.27 15.56 -24.97
C PHE B 279 6.68 14.80 -26.22
N GLU B 280 7.53 15.40 -27.03
CA GLU B 280 7.94 14.80 -28.29
C GLU B 280 9.37 15.22 -28.64
N ASN B 281 10.15 14.26 -29.12
CA ASN B 281 11.56 14.48 -29.47
C ASN B 281 12.33 15.19 -28.36
N GLY B 282 12.14 14.74 -27.13
CA GLY B 282 12.85 15.28 -25.97
C GLY B 282 12.46 16.68 -25.55
N GLU B 283 11.35 17.19 -26.08
CA GLU B 283 10.91 18.57 -25.81
C GLU B 283 9.51 18.58 -25.21
N PHE B 284 9.30 19.49 -24.25
CA PHE B 284 8.00 19.68 -23.59
C PHE B 284 7.24 20.87 -24.21
N TYR B 285 5.94 20.70 -24.40
CA TYR B 285 5.07 21.78 -24.87
C TYR B 285 3.76 21.85 -24.06
N PHE B 286 3.59 22.94 -23.32
CA PHE B 286 2.39 23.13 -22.48
C PHE B 286 1.09 23.17 -23.29
N ILE B 287 0.08 22.44 -22.84
CA ILE B 287 -1.25 22.53 -23.45
C ILE B 287 -2.31 23.06 -22.50
N GLU B 288 -2.32 22.60 -21.25
CA GLU B 288 -3.28 23.09 -20.26
C GLU B 288 -2.87 22.80 -18.81
N MET B 289 -3.44 23.59 -17.90
CA MET B 289 -3.27 23.38 -16.46
C MET B 289 -4.61 22.98 -15.84
N ASN B 290 -4.58 21.93 -15.02
CA ASN B 290 -5.75 21.53 -14.26
C ASN B 290 -5.57 22.12 -12.87
N THR B 291 -6.48 23.00 -12.49
CA THR B 291 -6.34 23.80 -11.28
C THR B 291 -7.12 23.14 -10.15
N ARG B 292 -6.74 21.89 -9.86
CA ARG B 292 -7.45 20.99 -8.94
C ARG B 292 -6.63 19.72 -8.76
N ILE B 293 -7.03 18.87 -7.83
CA ILE B 293 -6.48 17.52 -7.73
C ILE B 293 -6.99 16.73 -8.95
N GLN B 294 -6.25 15.70 -9.37
CA GLN B 294 -6.67 14.87 -10.50
C GLN B 294 -6.89 13.43 -10.06
N VAL B 295 -7.68 12.71 -10.87
CA VAL B 295 -7.89 11.27 -10.72
C VAL B 295 -6.58 10.56 -10.39
N GLU B 296 -5.55 10.81 -11.20
CA GLU B 296 -4.30 10.04 -11.18
C GLU B 296 -3.26 10.45 -10.12
N HIS B 297 -3.65 11.31 -9.18
CA HIS B 297 -2.73 11.75 -8.11
C HIS B 297 -2.04 10.61 -7.33
N PRO B 298 -2.72 9.47 -7.13
CA PRO B 298 -2.05 8.43 -6.32
C PRO B 298 -0.68 7.92 -6.82
N VAL B 299 -0.44 7.90 -8.13
CA VAL B 299 0.85 7.37 -8.61
C VAL B 299 2.01 8.26 -8.14
N THR B 300 1.76 9.57 -8.06
CA THR B 300 2.74 10.53 -7.55
C THR B 300 2.97 10.37 -6.05
N GLU B 301 1.89 10.08 -5.33
CA GLU B 301 1.98 9.86 -3.90
C GLU B 301 2.85 8.63 -3.62
N MET B 302 2.68 7.57 -4.42
CA MET B 302 3.43 6.34 -4.19
C MET B 302 4.94 6.56 -4.33
N ILE B 303 5.36 7.34 -5.32
CA ILE B 303 6.78 7.51 -5.65
C ILE B 303 7.49 8.65 -4.90
N THR B 304 6.72 9.53 -4.26
CA THR B 304 7.28 10.64 -3.45
C THR B 304 7.00 10.53 -1.95
N GLY B 305 6.03 9.72 -1.56
CA GLY B 305 5.60 9.64 -0.15
C GLY B 305 4.70 10.79 0.32
N VAL B 306 4.44 11.76 -0.55
CA VAL B 306 3.64 12.92 -0.19
C VAL B 306 2.15 12.62 -0.32
N ASP B 307 1.39 12.93 0.72
CA ASP B 307 -0.07 12.78 0.72
C ASP B 307 -0.69 14.08 0.19
N LEU B 308 -1.04 14.07 -1.09
CA LEU B 308 -1.45 15.31 -1.77
C LEU B 308 -2.76 15.89 -1.23
N ILE B 309 -3.69 15.04 -0.80
CA ILE B 309 -4.96 15.52 -0.24
C ILE B 309 -4.69 16.20 1.11
N LYS B 310 -3.89 15.57 1.95
CA LYS B 310 -3.55 16.18 3.23
C LYS B 310 -2.88 17.54 3.01
N GLU B 311 -1.99 17.61 2.02
CA GLU B 311 -1.31 18.87 1.74
C GLU B 311 -2.30 19.94 1.24
N GLN B 312 -3.29 19.54 0.45
CA GLN B 312 -4.37 20.48 0.04
C GLN B 312 -5.06 21.06 1.27
N LEU B 313 -5.29 20.20 2.24
CA LEU B 313 -6.04 20.56 3.44
C LEU B 313 -5.21 21.47 4.35
N ARG B 314 -3.92 21.16 4.49
CA ARG B 314 -3.00 22.01 5.26
C ARG B 314 -2.87 23.39 4.62
N ILE B 315 -2.70 23.42 3.30
CA ILE B 315 -2.61 24.69 2.57
C ILE B 315 -3.86 25.53 2.77
N ALA B 316 -5.02 24.89 2.64
CA ALA B 316 -6.30 25.58 2.85
C ALA B 316 -6.46 26.12 4.26
N ALA B 317 -5.86 25.44 5.24
CA ALA B 317 -5.85 25.89 6.63
C ALA B 317 -4.86 27.04 6.87
N GLY B 318 -4.19 27.52 5.82
CA GLY B 318 -3.27 28.65 5.91
C GLY B 318 -1.83 28.28 6.24
N GLN B 319 -1.51 26.98 6.23
CA GLN B 319 -0.16 26.54 6.56
C GLN B 319 0.77 26.65 5.36
N PRO B 320 1.94 27.31 5.55
CA PRO B 320 2.89 27.33 4.43
C PRO B 320 3.43 25.94 4.12
N LEU B 321 3.98 25.76 2.93
CA LEU B 321 4.61 24.49 2.59
C LEU B 321 5.71 24.19 3.61
N SER B 322 5.66 22.98 4.17
CA SER B 322 6.71 22.50 5.07
C SER B 322 7.74 21.70 4.29
N ILE B 323 7.33 21.20 3.12
CA ILE B 323 8.18 20.40 2.28
C ILE B 323 8.98 21.32 1.37
N LYS B 324 10.31 21.21 1.43
CA LYS B 324 11.18 21.94 0.53
C LYS B 324 11.48 21.07 -0.69
N GLN B 325 11.84 21.72 -1.80
CA GLN B 325 12.10 21.01 -3.06
C GLN B 325 13.20 19.96 -2.92
N GLU B 326 14.26 20.31 -2.20
CA GLU B 326 15.37 19.40 -1.91
C GLU B 326 14.96 18.12 -1.17
N GLU B 327 13.84 18.18 -0.43
CA GLU B 327 13.34 17.03 0.33
C GLU B 327 12.45 16.10 -0.50
N VAL B 328 12.14 16.48 -1.75
CA VAL B 328 11.31 15.67 -2.64
C VAL B 328 12.20 14.76 -3.48
N HIS B 329 11.99 13.45 -3.36
CA HIS B 329 12.75 12.47 -4.12
C HIS B 329 11.85 11.44 -4.76
N VAL B 330 12.12 11.13 -6.02
CA VAL B 330 11.44 10.06 -6.72
C VAL B 330 12.10 8.74 -6.33
N ARG B 331 11.26 7.78 -5.92
CA ARG B 331 11.75 6.47 -5.56
C ARG B 331 10.76 5.44 -6.06
N GLY B 332 11.25 4.44 -6.79
CA GLY B 332 10.40 3.41 -7.36
C GLY B 332 9.53 3.90 -8.50
N HIS B 333 8.44 3.18 -8.73
CA HIS B 333 7.59 3.39 -9.87
C HIS B 333 6.18 2.93 -9.54
N ALA B 334 5.18 3.65 -10.03
CA ALA B 334 3.79 3.25 -9.80
C ALA B 334 2.98 3.35 -11.10
N VAL B 335 2.06 2.40 -11.25
CA VAL B 335 1.10 2.38 -12.37
C VAL B 335 -0.33 2.38 -11.79
N GLU B 336 -1.20 3.18 -12.42
CA GLU B 336 -2.61 3.19 -12.10
C GLU B 336 -3.47 2.74 -13.29
N CYS B 337 -4.36 1.80 -13.01
CA CYS B 337 -5.37 1.33 -13.95
C CYS B 337 -6.72 1.81 -13.45
N ARG B 338 -7.37 2.65 -14.25
CA ARG B 338 -8.73 3.07 -13.96
C ARG B 338 -9.68 1.90 -14.16
N ILE B 339 -10.54 1.67 -13.18
CA ILE B 339 -11.58 0.65 -13.28
C ILE B 339 -12.94 1.30 -13.55
N ASN B 340 -13.50 0.96 -14.70
CA ASN B 340 -14.72 1.58 -15.20
C ASN B 340 -15.82 0.56 -15.41
N ALA B 341 -17.05 0.95 -15.08
CA ALA B 341 -18.23 0.13 -15.28
C ALA B 341 -18.73 0.31 -16.72
N GLU B 342 -18.16 -0.51 -17.60
CA GLU B 342 -18.41 -0.46 -19.03
C GLU B 342 -17.94 -1.77 -19.66
N ASP B 343 -18.51 -2.12 -20.81
CA ASP B 343 -18.08 -3.31 -21.53
C ASP B 343 -16.63 -3.13 -21.96
N PRO B 344 -15.77 -4.15 -21.78
CA PRO B 344 -14.36 -4.01 -22.11
C PRO B 344 -14.05 -3.97 -23.62
N ASN B 345 -15.02 -4.31 -24.46
CA ASN B 345 -14.86 -4.23 -25.92
C ASN B 345 -15.68 -3.13 -26.60
N THR B 346 -16.95 -2.95 -26.21
CA THR B 346 -17.83 -1.94 -26.80
C THR B 346 -17.87 -0.63 -26.01
N PHE B 347 -17.48 -0.70 -24.73
CA PHE B 347 -17.55 0.46 -23.81
C PHE B 347 -18.97 0.98 -23.55
N LEU B 348 -19.98 0.15 -23.80
CA LEU B 348 -21.33 0.46 -23.38
C LEU B 348 -21.31 0.56 -21.84
N PRO B 349 -21.86 1.66 -21.30
CA PRO B 349 -21.88 1.76 -19.83
C PRO B 349 -22.61 0.59 -19.16
N SER B 350 -22.14 0.22 -17.98
CA SER B 350 -22.69 -0.91 -17.24
C SER B 350 -23.01 -0.52 -15.80
N PRO B 351 -24.05 0.32 -15.62
CA PRO B 351 -24.54 0.55 -14.27
C PRO B 351 -25.24 -0.72 -13.76
N GLY B 352 -25.39 -0.82 -12.44
CA GLY B 352 -26.14 -1.91 -11.85
C GLY B 352 -25.55 -2.41 -10.56
N LYS B 353 -26.16 -3.48 -10.05
CA LYS B 353 -25.81 -4.02 -8.75
C LYS B 353 -24.62 -4.96 -8.82
N ILE B 354 -23.62 -4.66 -8.00
CA ILE B 354 -22.44 -5.50 -7.85
C ILE B 354 -22.80 -6.64 -6.90
N THR B 355 -22.88 -7.86 -7.45
CA THR B 355 -23.36 -9.03 -6.71
C THR B 355 -22.26 -9.79 -5.97
N ARG B 356 -21.02 -9.63 -6.42
CA ARG B 356 -19.86 -10.17 -5.73
C ARG B 356 -18.69 -9.22 -5.95
N PHE B 357 -17.93 -8.98 -4.88
CA PHE B 357 -16.77 -8.09 -4.94
C PHE B 357 -15.64 -8.59 -4.05
N HIS B 358 -14.44 -8.66 -4.64
CA HIS B 358 -13.23 -8.91 -3.87
C HIS B 358 -12.08 -8.04 -4.37
N ALA B 359 -11.51 -7.28 -3.46
CA ALA B 359 -10.42 -6.36 -3.79
C ALA B 359 -9.07 -7.10 -3.73
N PRO B 360 -8.15 -6.72 -4.61
CA PRO B 360 -6.80 -7.28 -4.58
C PRO B 360 -6.03 -6.71 -3.41
N GLY B 361 -5.11 -7.50 -2.86
CA GLY B 361 -4.20 -7.03 -1.82
C GLY B 361 -2.76 -7.37 -2.15
N GLY B 362 -1.88 -7.21 -1.16
CA GLY B 362 -0.48 -7.51 -1.32
C GLY B 362 0.42 -6.31 -1.14
N PHE B 363 1.71 -6.61 -1.02
CA PHE B 363 2.73 -5.59 -0.90
C PHE B 363 2.73 -4.72 -2.16
N GLY B 364 2.63 -3.42 -1.98
CA GLY B 364 2.70 -2.47 -3.10
C GLY B 364 1.39 -2.26 -3.86
N VAL B 365 0.31 -2.88 -3.39
CA VAL B 365 -1.01 -2.79 -4.01
C VAL B 365 -1.90 -1.81 -3.24
N ARG B 366 -2.40 -0.80 -3.95
CA ARG B 366 -3.29 0.20 -3.38
C ARG B 366 -4.61 0.25 -4.14
N TRP B 367 -5.71 0.13 -3.40
CA TRP B 367 -7.04 0.07 -3.99
C TRP B 367 -7.81 1.30 -3.53
N GLU B 368 -8.28 2.08 -4.50
CA GLU B 368 -9.01 3.31 -4.27
C GLU B 368 -10.39 3.18 -4.91
N SER B 369 -11.38 2.82 -4.08
CA SER B 369 -12.76 2.67 -4.55
C SER B 369 -13.78 2.65 -3.42
N HIS B 370 -14.95 3.20 -3.72
CA HIS B 370 -16.14 3.17 -2.85
C HIS B 370 -16.98 1.90 -3.03
N ILE B 371 -16.67 1.06 -4.02
CA ILE B 371 -17.58 -0.06 -4.30
C ILE B 371 -17.50 -1.17 -3.24
N TYR B 372 -18.58 -1.93 -3.14
CA TYR B 372 -18.67 -3.03 -2.19
C TYR B 372 -19.76 -3.99 -2.69
N ALA B 373 -19.73 -5.24 -2.22
CA ALA B 373 -20.72 -6.23 -2.62
C ALA B 373 -22.13 -5.78 -2.17
N GLY B 374 -23.07 -5.69 -3.12
CA GLY B 374 -24.43 -5.22 -2.87
C GLY B 374 -24.68 -3.76 -3.24
N TYR B 375 -23.59 -3.04 -3.54
CA TYR B 375 -23.66 -1.65 -3.99
C TYR B 375 -24.13 -1.59 -5.44
N THR B 376 -25.04 -0.67 -5.71
CA THR B 376 -25.49 -0.39 -7.08
C THR B 376 -24.77 0.82 -7.65
N VAL B 377 -24.07 0.60 -8.76
CA VAL B 377 -23.46 1.68 -9.53
C VAL B 377 -24.61 2.37 -10.28
N PRO B 378 -24.91 3.64 -9.95
CA PRO B 378 -26.05 4.29 -10.62
C PRO B 378 -25.75 4.69 -12.06
N PRO B 379 -26.80 4.78 -12.88
CA PRO B 379 -26.65 5.20 -14.28
C PRO B 379 -26.37 6.70 -14.49
N TYR B 380 -26.43 7.51 -13.45
CA TYR B 380 -26.43 8.98 -13.60
C TYR B 380 -25.06 9.66 -13.73
N TYR B 381 -23.99 8.95 -13.36
CA TYR B 381 -22.69 9.59 -13.14
C TYR B 381 -21.61 8.93 -14.01
N ASP B 382 -20.36 9.34 -13.82
CA ASP B 382 -19.23 8.83 -14.61
C ASP B 382 -19.07 7.32 -14.50
N SER B 383 -18.41 6.73 -15.49
CA SER B 383 -18.22 5.28 -15.50
C SER B 383 -17.13 4.80 -14.54
N MET B 384 -16.23 5.69 -14.10
CA MET B 384 -15.10 5.22 -13.30
C MET B 384 -15.55 4.89 -11.87
N ILE B 385 -15.37 3.64 -11.48
CA ILE B 385 -15.81 3.16 -10.17
C ILE B 385 -14.69 2.85 -9.17
N GLY B 386 -13.45 2.82 -9.64
CA GLY B 386 -12.33 2.52 -8.78
C GLY B 386 -11.02 2.76 -9.51
N LYS B 387 -9.94 2.76 -8.76
CA LYS B 387 -8.58 2.87 -9.29
C LYS B 387 -7.67 1.87 -8.58
N LEU B 388 -6.95 1.10 -9.37
CA LEU B 388 -5.99 0.12 -8.88
C LEU B 388 -4.61 0.67 -9.14
N ILE B 389 -3.84 0.85 -8.07
CA ILE B 389 -2.51 1.45 -8.14
C ILE B 389 -1.48 0.49 -7.55
N CYS B 390 -0.48 0.12 -8.35
CA CYS B 390 0.56 -0.80 -7.91
C CYS B 390 1.92 -0.14 -7.98
N TYR B 391 2.68 -0.29 -6.91
CA TYR B 391 4.02 0.29 -6.79
C TYR B 391 5.10 -0.80 -6.72
N GLY B 392 6.28 -0.48 -7.23
CA GLY B 392 7.46 -1.34 -7.09
C GLY B 392 8.75 -0.54 -7.08
N GLU B 393 9.85 -1.21 -6.73
CA GLU B 393 11.17 -0.56 -6.75
C GLU B 393 11.58 -0.17 -8.17
N ASN B 394 10.96 -0.81 -9.16
CA ASN B 394 11.11 -0.43 -10.56
C ASN B 394 9.83 -0.68 -11.35
N ARG B 395 9.83 -0.18 -12.59
CA ARG B 395 8.64 -0.27 -13.45
C ARG B 395 8.18 -1.71 -13.68
N ASP B 396 9.14 -2.61 -13.90
CA ASP B 396 8.81 -4.02 -14.17
C ASP B 396 8.06 -4.67 -12.99
N VAL B 397 8.50 -4.39 -11.76
CA VAL B 397 7.82 -4.90 -10.56
C VAL B 397 6.41 -4.32 -10.43
N ALA B 398 6.28 -3.01 -10.63
CA ALA B 398 4.98 -2.36 -10.62
C ALA B 398 4.00 -3.04 -11.58
N ILE B 399 4.45 -3.28 -12.81
CA ILE B 399 3.65 -3.93 -13.83
C ILE B 399 3.32 -5.39 -13.45
N ALA B 400 4.30 -6.11 -12.93
CA ALA B 400 4.10 -7.49 -12.45
C ALA B 400 3.01 -7.54 -11.39
N ARG B 401 3.08 -6.64 -10.42
CA ARG B 401 2.08 -6.58 -9.36
C ARG B 401 0.69 -6.23 -9.90
N MET B 402 0.62 -5.31 -10.87
CA MET B 402 -0.65 -4.91 -11.48
C MET B 402 -1.33 -6.10 -12.17
N LYS B 403 -0.55 -6.85 -12.93
CA LYS B 403 -1.08 -8.06 -13.59
C LYS B 403 -1.70 -8.99 -12.57
N ASN B 404 -1.00 -9.25 -11.47
CA ASN B 404 -1.51 -10.11 -10.40
C ASN B 404 -2.76 -9.52 -9.75
N ALA B 405 -2.71 -8.23 -9.43
CA ALA B 405 -3.81 -7.57 -8.73
C ALA B 405 -5.08 -7.57 -9.59
N LEU B 406 -4.92 -7.36 -10.89
CA LEU B 406 -6.06 -7.36 -11.80
C LEU B 406 -6.73 -8.74 -11.86
N GLN B 407 -5.93 -9.80 -11.70
CA GLN B 407 -6.47 -11.17 -11.71
C GLN B 407 -7.22 -11.51 -10.43
N GLU B 408 -6.81 -10.92 -9.30
CA GLU B 408 -7.51 -11.11 -8.04
C GLU B 408 -8.80 -10.33 -7.95
N LEU B 409 -8.84 -9.20 -8.66
CA LEU B 409 -9.98 -8.31 -8.57
C LEU B 409 -11.23 -8.98 -9.12
N ILE B 410 -12.26 -9.06 -8.30
CA ILE B 410 -13.57 -9.58 -8.72
C ILE B 410 -14.66 -8.52 -8.58
N ILE B 411 -15.35 -8.26 -9.68
CA ILE B 411 -16.51 -7.37 -9.72
C ILE B 411 -17.54 -8.02 -10.62
N ASP B 412 -18.54 -8.67 -10.04
CA ASP B 412 -19.59 -9.38 -10.78
C ASP B 412 -20.91 -8.60 -10.74
N GLY B 413 -21.77 -8.82 -11.73
CA GLY B 413 -23.07 -8.16 -11.79
C GLY B 413 -23.12 -7.01 -12.80
N ILE B 414 -21.94 -6.49 -13.14
CA ILE B 414 -21.78 -5.44 -14.13
C ILE B 414 -20.53 -5.74 -14.98
N LYS B 415 -20.49 -5.21 -16.19
CA LYS B 415 -19.29 -5.32 -17.00
C LYS B 415 -18.31 -4.28 -16.50
N THR B 416 -17.03 -4.60 -16.59
CA THR B 416 -15.95 -3.65 -16.33
C THR B 416 -14.88 -3.72 -17.42
N ASN B 417 -13.97 -2.75 -17.39
CA ASN B 417 -12.82 -2.74 -18.31
C ASN B 417 -11.61 -3.54 -17.79
N VAL B 418 -11.80 -4.37 -16.77
CA VAL B 418 -10.68 -5.12 -16.19
C VAL B 418 -9.93 -5.94 -17.26
N ASP B 419 -10.68 -6.60 -18.14
CA ASP B 419 -10.10 -7.42 -19.21
C ASP B 419 -9.26 -6.60 -20.18
N LEU B 420 -9.70 -5.37 -20.46
CA LEU B 420 -8.90 -4.44 -21.27
C LEU B 420 -7.59 -4.08 -20.57
N GLN B 421 -7.67 -3.76 -19.28
CA GLN B 421 -6.47 -3.42 -18.52
C GLN B 421 -5.46 -4.58 -18.49
N ILE B 422 -5.95 -5.80 -18.34
CA ILE B 422 -5.09 -6.98 -18.40
C ILE B 422 -4.39 -7.03 -19.77
N ARG B 423 -5.15 -6.80 -20.84
CA ARG B 423 -4.58 -6.72 -22.18
C ARG B 423 -3.50 -5.64 -22.30
N ILE B 424 -3.74 -4.46 -21.73
CA ILE B 424 -2.77 -3.37 -21.80
C ILE B 424 -1.48 -3.74 -21.03
N MET B 425 -1.63 -4.33 -19.85
CA MET B 425 -0.48 -4.71 -19.05
C MET B 425 0.37 -5.78 -19.76
N ASN B 426 -0.29 -6.61 -20.57
CA ASN B 426 0.38 -7.65 -21.35
C ASN B 426 0.96 -7.17 -22.68
N ASP B 427 0.71 -5.91 -23.02
CA ASP B 427 1.11 -5.36 -24.31
C ASP B 427 2.62 -5.13 -24.35
N GLU B 428 3.29 -5.67 -25.37
CA GLU B 428 4.75 -5.59 -25.45
C GLU B 428 5.27 -4.17 -25.61
N ASN B 429 4.50 -3.31 -26.27
CA ASN B 429 4.90 -1.92 -26.44
C ASN B 429 4.72 -1.12 -25.15
N PHE B 430 3.66 -1.41 -24.41
CA PHE B 430 3.50 -0.84 -23.08
C PHE B 430 4.61 -1.32 -22.15
N GLN B 431 4.92 -2.61 -22.21
CA GLN B 431 6.00 -3.18 -21.38
C GLN B 431 7.36 -2.54 -21.68
N HIS B 432 7.60 -2.22 -22.96
CA HIS B 432 8.79 -1.47 -23.36
C HIS B 432 8.75 -0.04 -22.80
N GLY B 433 7.57 0.57 -22.85
CA GLY B 433 7.35 1.92 -22.33
C GLY B 433 7.43 2.98 -23.39
N GLY B 434 6.90 4.17 -23.06
CA GLY B 434 7.00 5.31 -23.95
C GLY B 434 6.07 5.32 -25.15
N THR B 435 4.96 4.57 -25.08
CA THR B 435 3.94 4.63 -26.13
C THR B 435 3.27 6.03 -26.18
N ASN B 436 2.85 6.43 -27.38
CA ASN B 436 2.30 7.78 -27.58
C ASN B 436 0.79 7.86 -27.36
N ILE B 437 0.23 9.06 -27.51
CA ILE B 437 -1.18 9.31 -27.18
C ILE B 437 -2.20 8.64 -28.12
N HIS B 438 -1.72 8.11 -29.24
CA HIS B 438 -2.58 7.40 -30.21
C HIS B 438 -2.54 5.89 -30.08
N TYR B 439 -1.68 5.37 -29.21
CA TYR B 439 -1.38 3.94 -29.22
C TYR B 439 -2.60 3.05 -28.90
N LEU B 440 -3.34 3.37 -27.84
CA LEU B 440 -4.41 2.46 -27.40
C LEU B 440 -5.44 2.29 -28.48
N GLU B 441 -5.85 3.39 -29.08
CA GLU B 441 -6.88 3.35 -30.12
C GLU B 441 -6.44 2.63 -31.39
N LYS B 442 -5.16 2.74 -31.75
CA LYS B 442 -4.68 1.95 -32.88
C LYS B 442 -4.55 0.46 -32.51
N LYS B 443 -4.12 0.15 -31.29
CA LYS B 443 -4.12 -1.23 -30.80
C LYS B 443 -5.52 -1.85 -30.94
N LEU B 444 -6.53 -1.10 -30.52
CA LEU B 444 -7.92 -1.59 -30.55
C LEU B 444 -8.60 -1.42 -31.92
N GLY B 445 -7.96 -0.70 -32.84
CA GLY B 445 -8.50 -0.48 -34.17
C GLY B 445 -9.69 0.46 -34.18
N LEU B 446 -9.63 1.50 -33.34
CA LEU B 446 -10.71 2.49 -33.22
C LEU B 446 -10.30 3.81 -33.88
#